data_3DBN
#
_entry.id   3DBN
#
_cell.length_a   105.520
_cell.length_b   105.520
_cell.length_c   160.077
_cell.angle_alpha   90.00
_cell.angle_beta   90.00
_cell.angle_gamma   90.00
#
_symmetry.space_group_name_H-M   'P 43 21 2'
#
loop_
_entity.id
_entity.type
_entity.pdbx_description
1 polymer 'Mannonate dehydratase'
2 non-polymer 'MANGANESE (II) ION'
3 non-polymer 'D-MANNONIC ACID'
#
_entity_poly.entity_id   1
_entity_poly.type   'polypeptide(L)'
_entity_poly.pdbx_seq_one_letter_code
;MGSSHHHHHHSSGLVPRGSHMKMSFRWYGKKDPVTLEEIKAIPGMQGIVTAVYDVPVGQAWPLENILELKKMVEEAGLEI
TVIESIPVHEDIKQGKPNRDALIENYKTSIRNVGAAGIPVVCYNFMPVFDWTRSDLHHPLPDGSTSLAFLKSDLAGVDPV
ADDLNLPGWDSSYSKEEMKAIIENYRQNISEEDLWANLEYFIKAILPTAEEAGVKMAIHPDDPPYGIFGLPRIITGQEAV
ERFLNLYDSEHNGITMCVGSYASDPKNDVLAMTEYALKRNRINFMHTRNVTAGAWGFQETAHLSQAGDIDMNAVVKLLVD
YDWQGSLRPDHGRRIWGDQTKTPGYGLYDRALGATYFNGLYEANMRAAGKTPDFGIKAKTVGTKEG
;
_entity_poly.pdbx_strand_id   A,B
#
# COMPACT_ATOMS: atom_id res chain seq x y z
N SER A 19 -22.21 -6.42 -1.68
CA SER A 19 -21.03 -7.02 -2.34
C SER A 19 -19.78 -6.14 -2.15
N HIS A 20 -19.94 -5.01 -1.48
CA HIS A 20 -18.84 -4.06 -1.30
C HIS A 20 -18.28 -4.05 0.11
N MET A 21 -16.96 -4.16 0.19
CA MET A 21 -16.24 -3.99 1.45
C MET A 21 -15.74 -2.57 1.60
N LYS A 22 -16.10 -1.91 2.69
CA LYS A 22 -15.66 -0.55 2.95
C LYS A 22 -14.29 -0.54 3.62
N MET A 23 -13.35 0.22 3.05
CA MET A 23 -11.97 0.26 3.57
C MET A 23 -11.84 1.11 4.82
N SER A 24 -11.55 0.48 5.95
CA SER A 24 -11.59 1.11 7.26
C SER A 24 -10.24 1.19 7.95
N PHE A 25 -10.17 1.97 9.03
CA PHE A 25 -8.90 2.33 9.69
C PHE A 25 -9.22 2.75 11.14
N ARG A 26 -8.45 2.25 12.13
CA ARG A 26 -8.74 2.52 13.57
C ARG A 26 -8.19 3.85 14.14
N TRP A 27 -9.02 4.54 14.93
CA TRP A 27 -8.69 5.88 15.49
C TRP A 27 -8.98 6.04 16.98
N TYR A 28 -7.92 6.09 17.79
CA TYR A 28 -8.00 6.23 19.28
C TYR A 28 -8.66 7.50 19.89
N GLY A 29 -9.51 8.19 19.11
CA GLY A 29 -10.20 9.40 19.58
C GLY A 29 -9.36 10.66 19.53
N LYS A 30 -9.86 11.73 20.15
CA LYS A 30 -9.20 13.04 20.15
C LYS A 30 -7.68 13.01 20.45
N LYS A 31 -7.24 12.12 21.33
CA LYS A 31 -5.82 12.02 21.71
C LYS A 31 -4.91 11.39 20.62
N ASP A 32 -5.50 10.76 19.59
CA ASP A 32 -4.73 10.01 18.56
C ASP A 32 -3.72 10.91 17.88
N PRO A 33 -2.42 10.58 18.01
CA PRO A 33 -1.32 11.36 17.43
C PRO A 33 -1.38 11.36 15.91
N VAL A 34 -2.16 10.42 15.35
CA VAL A 34 -2.47 10.37 13.95
C VAL A 34 -3.78 11.12 13.72
N THR A 35 -3.70 12.17 12.91
CA THR A 35 -4.85 13.03 12.66
C THR A 35 -5.79 12.37 11.65
N LEU A 36 -7.03 12.83 11.65
CA LEU A 36 -8.05 12.38 10.72
C LEU A 36 -7.74 12.77 9.27
N GLU A 37 -7.12 13.95 9.11
CA GLU A 37 -6.59 14.42 7.82
C GLU A 37 -5.60 13.41 7.24
N GLU A 38 -4.73 12.88 8.12
CA GLU A 38 -3.74 11.86 7.74
C GLU A 38 -4.45 10.54 7.41
N ILE A 39 -5.45 10.22 8.24
CA ILE A 39 -6.30 9.06 8.05
C ILE A 39 -7.12 9.23 6.80
N LYS A 40 -7.63 10.44 6.56
CA LYS A 40 -8.38 10.72 5.31
C LYS A 40 -7.46 10.65 4.09
N ALA A 41 -6.16 10.86 4.31
CA ALA A 41 -5.22 11.00 3.22
C ALA A 41 -4.97 9.69 2.47
N ILE A 42 -5.07 8.57 3.17
CA ILE A 42 -4.96 7.21 2.58
C ILE A 42 -5.92 7.04 1.40
N PRO A 43 -5.41 6.52 0.26
CA PRO A 43 -6.24 6.27 -0.93
C PRO A 43 -7.30 5.24 -0.65
N GLY A 44 -8.54 5.49 -1.05
CA GLY A 44 -9.65 4.53 -0.88
C GLY A 44 -10.15 4.26 0.55
N MET A 45 -9.54 4.95 1.51
CA MET A 45 -9.89 4.85 2.92
C MET A 45 -11.25 5.49 3.14
N GLN A 46 -12.08 4.89 3.99
CA GLN A 46 -13.50 5.33 4.12
C GLN A 46 -13.97 5.53 5.55
N GLY A 47 -14.05 4.42 6.26
CA GLY A 47 -14.63 4.35 7.58
C GLY A 47 -13.65 4.53 8.72
N ILE A 48 -14.22 4.72 9.90
CA ILE A 48 -13.44 4.93 11.09
C ILE A 48 -13.80 3.86 12.13
N VAL A 49 -12.77 3.39 12.85
CA VAL A 49 -12.88 2.36 13.85
C VAL A 49 -12.44 3.04 15.14
N THR A 50 -13.37 3.24 16.06
CA THR A 50 -13.04 3.97 17.28
C THR A 50 -14.01 3.63 18.40
N ALA A 51 -13.84 4.30 19.54
CA ALA A 51 -14.51 3.94 20.77
C ALA A 51 -14.31 5.03 21.80
N VAL A 52 -15.17 5.06 22.81
CA VAL A 52 -15.12 6.07 23.86
C VAL A 52 -13.93 5.81 24.81
N TYR A 53 -13.46 6.83 25.53
CA TYR A 53 -12.30 6.68 26.43
C TYR A 53 -12.44 7.36 27.80
N ASP A 54 -13.62 7.90 28.08
CA ASP A 54 -13.80 8.72 29.28
C ASP A 54 -14.72 8.12 30.33
N VAL A 55 -15.17 6.89 30.12
CA VAL A 55 -15.85 6.15 31.19
C VAL A 55 -15.04 4.91 31.71
N PRO A 56 -14.67 4.91 33.02
CA PRO A 56 -13.82 3.92 33.72
C PRO A 56 -13.68 2.52 33.09
N VAL A 57 -14.76 1.74 33.03
CA VAL A 57 -14.77 0.45 32.30
C VAL A 57 -16.17 -0.12 32.15
N GLY A 58 -16.61 -0.90 33.11
CA GLY A 58 -17.88 -1.62 33.01
C GLY A 58 -19.13 -0.77 33.16
N GLN A 59 -19.05 0.51 32.80
CA GLN A 59 -20.21 1.41 32.89
C GLN A 59 -20.93 1.70 31.58
N ALA A 60 -21.85 2.65 31.67
CA ALA A 60 -22.67 3.07 30.55
C ALA A 60 -21.83 3.85 29.52
N TRP A 61 -22.42 4.09 28.35
CA TRP A 61 -21.81 4.87 27.27
C TRP A 61 -22.85 5.89 26.80
N PRO A 62 -22.76 7.15 27.27
CA PRO A 62 -23.87 7.99 26.84
C PRO A 62 -23.68 8.38 25.38
N LEU A 63 -24.79 8.41 24.65
CA LEU A 63 -24.81 8.72 23.22
C LEU A 63 -23.99 9.99 22.96
N GLU A 64 -23.99 10.84 23.96
CA GLU A 64 -23.31 12.13 23.98
C GLU A 64 -21.79 11.97 23.80
N ASN A 65 -21.21 11.02 24.52
CA ASN A 65 -19.80 10.63 24.33
C ASN A 65 -19.51 10.09 22.93
N ILE A 66 -20.50 9.42 22.32
CA ILE A 66 -20.30 8.77 21.02
C ILE A 66 -20.50 9.77 19.88
N LEU A 67 -21.36 10.75 20.11
CA LEU A 67 -21.57 11.85 19.18
C LEU A 67 -20.40 12.83 19.20
N GLU A 68 -19.99 13.25 20.41
CA GLU A 68 -18.74 14.01 20.61
C GLU A 68 -17.51 13.38 19.87
N LEU A 69 -17.63 12.11 19.43
CA LEU A 69 -16.60 11.49 18.59
C LEU A 69 -17.03 11.34 17.11
N LYS A 70 -18.33 11.12 16.90
CA LYS A 70 -18.90 11.03 15.55
C LYS A 70 -18.98 12.41 14.88
N LYS A 71 -19.12 13.46 15.70
CA LYS A 71 -19.14 14.82 15.18
C LYS A 71 -17.74 15.21 14.68
N MET A 72 -16.74 14.81 15.44
CA MET A 72 -15.36 15.09 15.10
C MET A 72 -14.97 14.40 13.79
N VAL A 73 -15.63 13.29 13.48
CA VAL A 73 -15.23 12.44 12.38
C VAL A 73 -15.90 12.81 11.07
N GLU A 74 -17.22 12.73 10.97
CA GLU A 74 -17.86 12.96 9.64
C GLU A 74 -17.65 14.38 9.08
N GLU A 75 -17.23 15.30 9.96
CA GLU A 75 -16.77 16.63 9.54
C GLU A 75 -15.46 16.52 8.75
N ALA A 76 -14.59 15.59 9.16
CA ALA A 76 -13.32 15.28 8.49
C ALA A 76 -13.38 14.28 7.32
N GLY A 77 -14.59 13.86 6.93
CA GLY A 77 -14.77 13.03 5.74
C GLY A 77 -15.10 11.56 5.98
N LEU A 78 -15.03 11.14 7.25
CA LEU A 78 -15.04 9.72 7.64
C LEU A 78 -16.30 9.26 8.36
N GLU A 79 -16.50 7.95 8.44
CA GLU A 79 -17.75 7.40 8.96
C GLU A 79 -17.56 6.16 9.86
N ILE A 80 -17.89 6.29 11.15
CA ILE A 80 -17.85 5.16 12.07
C ILE A 80 -18.48 3.96 11.42
N THR A 81 -17.69 2.90 11.25
CA THR A 81 -18.18 1.69 10.62
C THR A 81 -18.19 0.58 11.68
N VAL A 82 -17.49 0.82 12.79
CA VAL A 82 -17.41 -0.09 13.95
C VAL A 82 -17.00 0.65 15.23
N ILE A 83 -17.53 0.22 16.38
CA ILE A 83 -16.94 0.64 17.64
C ILE A 83 -15.96 -0.42 18.12
N GLU A 84 -14.67 -0.19 17.86
CA GLU A 84 -13.67 -1.16 18.27
C GLU A 84 -13.42 -1.10 19.75
N SER A 85 -14.31 -1.78 20.49
CA SER A 85 -14.11 -2.21 21.87
C SER A 85 -14.81 -1.38 22.91
N ILE A 86 -15.97 -1.88 23.36
CA ILE A 86 -16.46 -1.60 24.71
C ILE A 86 -15.93 -2.77 25.54
N PRO A 87 -15.13 -2.48 26.55
CA PRO A 87 -14.48 -3.53 27.34
C PRO A 87 -15.42 -4.21 28.33
N VAL A 88 -15.75 -5.47 28.04
CA VAL A 88 -16.52 -6.32 28.95
C VAL A 88 -15.71 -6.38 30.26
N HIS A 89 -16.36 -6.06 31.38
CA HIS A 89 -15.70 -6.09 32.69
C HIS A 89 -15.21 -7.49 33.01
N GLU A 90 -14.15 -7.58 33.80
CA GLU A 90 -13.70 -8.87 34.30
C GLU A 90 -14.77 -9.53 35.16
N ASP A 91 -15.49 -8.70 35.92
CA ASP A 91 -16.56 -9.17 36.79
C ASP A 91 -17.59 -9.91 35.95
N ILE A 92 -17.69 -9.55 34.68
CA ILE A 92 -18.59 -10.25 33.74
C ILE A 92 -18.05 -11.62 33.29
N LYS A 93 -16.85 -11.65 32.72
CA LYS A 93 -16.22 -12.89 32.25
C LYS A 93 -16.03 -13.88 33.40
N GLN A 94 -15.56 -13.36 34.54
CA GLN A 94 -15.37 -14.14 35.76
C GLN A 94 -16.66 -14.74 36.34
N GLY A 95 -17.81 -14.47 35.74
CA GLY A 95 -19.10 -14.97 36.23
C GLY A 95 -19.53 -14.48 37.61
N LYS A 96 -18.84 -13.47 38.15
CA LYS A 96 -19.13 -12.96 39.47
C LYS A 96 -20.55 -12.34 39.57
N PRO A 97 -21.23 -12.49 40.73
CA PRO A 97 -22.66 -12.20 40.90
C PRO A 97 -23.00 -10.79 40.43
N ASN A 98 -22.11 -9.86 40.77
CA ASN A 98 -22.26 -8.45 40.48
C ASN A 98 -22.24 -8.16 38.97
N ARG A 99 -22.39 -9.21 38.16
CA ARG A 99 -22.35 -9.06 36.71
C ARG A 99 -23.56 -8.34 36.11
N ASP A 100 -24.77 -8.69 36.55
CA ASP A 100 -26.04 -8.20 35.96
C ASP A 100 -26.10 -6.69 35.77
N ALA A 101 -25.70 -5.94 36.81
CA ALA A 101 -25.59 -4.47 36.73
C ALA A 101 -24.57 -3.99 35.67
N LEU A 102 -23.42 -4.64 35.62
CA LEU A 102 -22.36 -4.26 34.68
C LEU A 102 -22.69 -4.78 33.29
N ILE A 103 -23.75 -5.58 33.19
CA ILE A 103 -24.35 -5.97 31.90
C ILE A 103 -25.47 -4.98 31.58
N GLU A 104 -26.08 -4.40 32.62
CA GLU A 104 -27.08 -3.31 32.48
C GLU A 104 -26.52 -2.01 31.90
N ASN A 105 -25.24 -1.79 32.16
CA ASN A 105 -24.53 -0.65 31.64
C ASN A 105 -23.92 -0.92 30.28
N TYR A 106 -23.63 -2.20 30.00
CA TYR A 106 -23.22 -2.69 28.66
C TYR A 106 -24.45 -2.77 27.72
N LYS A 107 -25.62 -2.90 28.34
CA LYS A 107 -26.91 -2.73 27.67
C LYS A 107 -27.00 -1.35 26.97
N THR A 108 -26.92 -0.28 27.78
CA THR A 108 -27.02 1.10 27.28
C THR A 108 -26.04 1.33 26.15
N SER A 109 -24.77 1.08 26.44
CA SER A 109 -23.72 1.16 25.45
C SER A 109 -24.23 0.60 24.13
N ILE A 110 -24.65 -0.66 24.16
CA ILE A 110 -25.10 -1.35 22.94
C ILE A 110 -26.17 -0.57 22.22
N ARG A 111 -27.23 -0.21 22.95
CA ARG A 111 -28.39 0.53 22.40
C ARG A 111 -28.07 1.95 21.87
N ASN A 112 -27.35 2.75 22.68
CA ASN A 112 -26.92 4.13 22.32
C ASN A 112 -26.08 4.24 21.01
N VAL A 113 -25.26 3.23 20.75
CA VAL A 113 -24.43 3.11 19.54
C VAL A 113 -25.27 2.91 18.25
N GLY A 114 -26.23 1.98 18.27
CA GLY A 114 -27.09 1.72 17.13
C GLY A 114 -28.03 2.89 16.84
N ALA A 115 -28.01 3.86 17.77
CA ALA A 115 -28.73 5.12 17.65
C ALA A 115 -27.80 6.21 17.10
N ALA A 116 -26.83 5.77 16.31
CA ALA A 116 -25.87 6.62 15.65
C ALA A 116 -25.38 5.89 14.41
N GLY A 117 -26.30 5.15 13.77
CA GLY A 117 -26.07 4.55 12.46
C GLY A 117 -25.01 3.46 12.37
N ILE A 118 -24.09 3.43 13.34
CA ILE A 118 -22.95 2.50 13.34
C ILE A 118 -23.40 1.05 13.44
N PRO A 119 -23.15 0.27 12.38
CA PRO A 119 -23.74 -1.07 12.29
C PRO A 119 -23.04 -2.16 13.12
N VAL A 120 -21.75 -2.00 13.43
CA VAL A 120 -21.01 -3.10 14.07
C VAL A 120 -20.24 -2.72 15.35
N VAL A 121 -20.29 -3.61 16.35
CA VAL A 121 -19.46 -3.48 17.56
C VAL A 121 -18.58 -4.71 17.75
N CYS A 122 -17.26 -4.49 17.76
CA CYS A 122 -16.26 -5.52 17.99
C CYS A 122 -16.04 -5.69 19.51
N TYR A 123 -15.47 -6.81 19.96
CA TYR A 123 -15.23 -7.04 21.39
C TYR A 123 -14.55 -8.40 21.65
N ASN A 124 -14.12 -8.60 22.89
CA ASN A 124 -13.55 -9.92 23.27
C ASN A 124 -14.00 -10.46 24.62
N PHE A 125 -13.80 -11.75 24.80
CA PHE A 125 -14.09 -12.44 26.04
C PHE A 125 -12.84 -13.16 26.50
N MET A 126 -11.80 -12.39 26.82
CA MET A 126 -10.47 -12.91 27.07
C MET A 126 -9.96 -12.55 28.47
N PRO A 127 -9.82 -13.55 29.38
CA PRO A 127 -9.29 -13.36 30.73
C PRO A 127 -8.05 -12.50 30.82
N VAL A 128 -8.04 -11.58 31.79
CA VAL A 128 -6.84 -10.84 32.27
C VAL A 128 -6.14 -9.82 31.32
N PHE A 129 -5.90 -10.16 30.06
CA PHE A 129 -5.23 -9.24 29.12
C PHE A 129 -5.90 -9.26 27.76
N ASP A 130 -5.95 -8.09 27.10
CA ASP A 130 -6.49 -8.02 25.73
C ASP A 130 -5.52 -8.52 24.66
N TRP A 131 -4.21 -8.38 24.94
CA TRP A 131 -3.13 -8.93 24.09
C TRP A 131 -1.84 -9.20 24.89
N THR A 132 -0.99 -10.07 24.36
CA THR A 132 0.33 -10.30 24.96
C THR A 132 1.42 -10.33 23.93
N ARG A 133 2.57 -9.74 24.27
CA ARG A 133 3.75 -9.76 23.43
C ARG A 133 5.01 -9.80 24.29
N SER A 134 5.97 -10.63 23.94
CA SER A 134 7.27 -10.62 24.62
C SER A 134 8.09 -9.38 24.28
N ASP A 135 7.75 -8.71 23.18
CA ASP A 135 8.65 -7.75 22.53
C ASP A 135 7.97 -6.73 21.61
N LEU A 136 8.06 -5.46 21.99
CA LEU A 136 7.34 -4.43 21.28
C LEU A 136 8.19 -3.78 20.22
N HIS A 137 9.38 -4.30 19.99
CA HIS A 137 10.24 -3.82 18.88
C HIS A 137 11.17 -4.91 18.32
N HIS A 138 10.64 -6.03 17.86
CA HIS A 138 11.51 -7.08 17.37
C HIS A 138 11.99 -6.78 15.96
N PRO A 139 13.31 -6.83 15.75
CA PRO A 139 13.87 -6.52 14.43
C PRO A 139 13.43 -7.52 13.35
N LEU A 140 13.06 -6.99 12.18
CA LEU A 140 12.76 -7.79 10.97
C LEU A 140 13.85 -7.63 9.94
N PRO A 141 13.91 -8.54 8.97
CA PRO A 141 14.89 -8.51 7.88
C PRO A 141 14.98 -7.20 7.09
N ASP A 142 13.88 -6.59 6.67
CA ASP A 142 13.99 -5.27 5.99
C ASP A 142 14.37 -4.06 6.88
N GLY A 143 14.97 -4.33 8.05
CA GLY A 143 15.53 -3.29 8.92
C GLY A 143 14.56 -2.67 9.92
N SER A 144 13.26 -2.97 9.75
CA SER A 144 12.20 -2.41 10.61
C SER A 144 11.92 -3.30 11.84
N THR A 145 10.91 -2.92 12.61
CA THR A 145 10.63 -3.62 13.87
C THR A 145 9.14 -3.77 14.06
N SER A 146 8.72 -4.95 14.52
CA SER A 146 7.30 -5.22 14.72
C SER A 146 7.07 -6.08 15.96
N LEU A 147 5.82 -6.11 16.41
CA LEU A 147 5.45 -6.83 17.63
C LEU A 147 5.69 -8.31 17.44
N ALA A 148 6.08 -8.99 18.51
CA ALA A 148 6.32 -10.43 18.46
C ALA A 148 6.06 -11.12 19.80
N PHE A 149 5.64 -12.37 19.73
CA PHE A 149 5.45 -13.17 20.90
C PHE A 149 6.41 -14.34 20.77
N LEU A 150 7.51 -14.23 21.49
CA LEU A 150 8.50 -15.29 21.55
C LEU A 150 8.22 -16.10 22.82
N LYS A 151 7.60 -17.26 22.64
CA LYS A 151 7.27 -18.15 23.75
C LYS A 151 8.41 -18.35 24.78
N SER A 152 9.63 -18.61 24.31
CA SER A 152 10.77 -18.84 25.19
C SER A 152 11.18 -17.65 26.04
N ASP A 153 11.17 -16.44 25.47
CA ASP A 153 11.51 -15.23 26.24
C ASP A 153 10.47 -15.00 27.35
N LEU A 154 9.31 -15.60 27.21
CA LEU A 154 8.28 -15.35 28.19
C LEU A 154 8.02 -16.57 29.07
N ALA A 155 8.96 -17.49 29.13
CA ALA A 155 8.80 -18.63 30.01
C ALA A 155 9.05 -18.17 31.44
N GLY A 156 10.21 -17.57 31.68
CA GLY A 156 10.63 -17.15 33.00
C GLY A 156 9.97 -15.87 33.51
N VAL A 157 8.66 -15.71 33.30
CA VAL A 157 7.90 -14.58 33.86
C VAL A 157 6.63 -14.92 34.66
N ASP A 158 6.67 -14.59 35.95
CA ASP A 158 5.46 -14.43 36.70
C ASP A 158 4.87 -13.07 36.28
N PRO A 159 3.67 -13.08 35.71
CA PRO A 159 2.96 -11.82 35.48
C PRO A 159 2.67 -11.07 36.80
N SER A 174 -5.29 -2.44 39.36
CA SER A 174 -4.33 -2.47 40.47
C SER A 174 -3.15 -3.43 40.19
N LYS A 175 -2.47 -3.86 41.25
CA LYS A 175 -1.36 -4.80 41.15
C LYS A 175 -1.63 -6.06 41.96
N GLU A 176 -2.04 -5.89 43.22
CA GLU A 176 -2.39 -7.02 44.13
C GLU A 176 -3.69 -7.64 43.66
N GLU A 177 -4.63 -6.76 43.33
CA GLU A 177 -5.90 -7.09 42.67
C GLU A 177 -5.66 -7.94 41.41
N MET A 178 -4.56 -7.68 40.70
CA MET A 178 -4.17 -8.50 39.55
C MET A 178 -3.73 -9.88 40.02
N LYS A 179 -2.78 -9.89 40.96
CA LYS A 179 -2.32 -11.12 41.63
C LYS A 179 -3.51 -11.89 42.16
N ALA A 180 -4.66 -11.22 42.24
CA ALA A 180 -5.90 -11.83 42.71
C ALA A 180 -6.78 -12.32 41.56
N ILE A 181 -6.97 -11.47 40.54
CA ILE A 181 -7.78 -11.82 39.37
C ILE A 181 -7.19 -13.04 38.65
N ILE A 182 -5.86 -13.04 38.51
CA ILE A 182 -5.10 -14.08 37.84
C ILE A 182 -5.27 -15.39 38.60
N GLU A 183 -5.09 -15.32 39.92
CA GLU A 183 -5.27 -16.47 40.82
C GLU A 183 -6.61 -17.16 40.67
N ASN A 184 -7.68 -16.37 40.55
CA ASN A 184 -9.04 -16.91 40.34
C ASN A 184 -9.17 -17.75 39.06
N TYR A 185 -8.91 -17.13 37.90
CA TYR A 185 -8.93 -17.79 36.59
C TYR A 185 -8.11 -19.10 36.58
N ARG A 186 -6.86 -19.01 37.02
CA ARG A 186 -6.01 -20.21 37.22
C ARG A 186 -6.69 -21.34 38.00
N GLN A 187 -7.29 -21.02 39.15
CA GLN A 187 -7.76 -22.07 40.06
C GLN A 187 -9.23 -22.45 39.84
N ASN A 188 -10.11 -21.47 39.86
CA ASN A 188 -11.53 -21.80 39.92
C ASN A 188 -12.30 -21.58 38.63
N ILE A 189 -11.62 -21.11 37.59
CA ILE A 189 -12.26 -20.89 36.29
C ILE A 189 -11.71 -21.83 35.22
N SER A 190 -12.46 -22.84 34.86
CA SER A 190 -12.06 -23.75 33.80
C SER A 190 -12.37 -23.13 32.44
N GLU A 191 -12.18 -23.90 31.36
CA GLU A 191 -12.55 -23.46 30.00
C GLU A 191 -14.06 -23.48 29.83
N GLU A 192 -14.62 -24.64 30.11
CA GLU A 192 -16.07 -24.82 30.18
C GLU A 192 -16.75 -23.73 31.02
N ASP A 193 -16.14 -23.36 32.15
CA ASP A 193 -16.67 -22.24 32.95
C ASP A 193 -16.72 -20.95 32.16
N LEU A 194 -15.63 -20.66 31.41
CA LEU A 194 -15.55 -19.42 30.66
C LEU A 194 -16.58 -19.43 29.52
N TRP A 195 -16.81 -20.61 28.92
CA TRP A 195 -17.90 -20.78 27.95
C TRP A 195 -19.25 -20.51 28.59
N ALA A 196 -19.35 -20.93 29.84
CA ALA A 196 -20.54 -20.73 30.61
C ALA A 196 -20.84 -19.24 30.68
N ASN A 197 -19.87 -18.45 31.14
CA ASN A 197 -20.08 -17.04 31.38
C ASN A 197 -20.25 -16.24 30.12
N LEU A 198 -19.68 -16.72 29.02
CA LEU A 198 -19.84 -16.09 27.73
C LEU A 198 -21.30 -16.24 27.26
N GLU A 199 -21.87 -17.43 27.42
CA GLU A 199 -23.26 -17.66 27.02
C GLU A 199 -24.28 -16.82 27.82
N TYR A 200 -24.18 -16.89 29.13
CA TYR A 200 -25.00 -16.05 29.95
C TYR A 200 -24.95 -14.58 29.49
N PHE A 201 -23.74 -14.08 29.23
CA PHE A 201 -23.54 -12.67 28.83
C PHE A 201 -24.06 -12.39 27.42
N ILE A 202 -23.99 -13.42 26.58
CA ILE A 202 -24.33 -13.32 25.17
C ILE A 202 -25.81 -13.30 24.93
N LYS A 203 -26.54 -14.24 25.55
CA LYS A 203 -27.99 -14.30 25.44
C LYS A 203 -28.63 -13.14 26.21
N ALA A 204 -27.79 -12.45 26.97
CA ALA A 204 -28.21 -11.23 27.63
C ALA A 204 -28.28 -10.07 26.62
N ILE A 205 -27.12 -9.78 26.02
CA ILE A 205 -26.89 -8.61 25.18
C ILE A 205 -27.31 -8.80 23.70
N LEU A 206 -27.72 -10.00 23.32
CA LEU A 206 -28.11 -10.18 21.94
C LEU A 206 -29.42 -9.46 21.58
N PRO A 207 -30.53 -9.74 22.29
CA PRO A 207 -31.70 -8.85 22.16
C PRO A 207 -31.40 -7.34 22.20
N THR A 208 -30.55 -6.90 23.12
CA THR A 208 -30.21 -5.48 23.20
C THR A 208 -29.63 -5.03 21.85
N ALA A 209 -28.75 -5.85 21.27
CA ALA A 209 -28.16 -5.60 19.95
C ALA A 209 -29.13 -5.68 18.76
N GLU A 210 -30.15 -6.53 18.83
CA GLU A 210 -31.09 -6.67 17.71
C GLU A 210 -32.17 -5.58 17.72
N GLU A 211 -32.46 -5.06 18.91
CA GLU A 211 -33.42 -3.94 19.09
C GLU A 211 -32.72 -2.59 18.86
N ALA A 212 -31.45 -2.64 18.42
CA ALA A 212 -30.64 -1.42 18.23
C ALA A 212 -30.01 -1.27 16.83
N GLY A 213 -29.95 -2.38 16.10
CA GLY A 213 -29.28 -2.48 14.81
C GLY A 213 -27.96 -3.23 14.94
N VAL A 214 -27.14 -2.76 15.88
CA VAL A 214 -25.78 -3.25 16.14
C VAL A 214 -25.56 -4.74 15.94
N LYS A 215 -24.62 -5.08 15.06
CA LYS A 215 -24.14 -6.44 14.89
C LYS A 215 -22.91 -6.69 15.79
N MET A 216 -22.91 -7.79 16.52
CA MET A 216 -21.87 -8.04 17.53
C MET A 216 -20.76 -8.95 17.03
N ALA A 217 -19.52 -8.50 17.20
CA ALA A 217 -18.36 -9.15 16.59
C ALA A 217 -17.24 -9.48 17.59
N ILE A 218 -17.10 -10.75 17.91
CA ILE A 218 -16.11 -11.14 18.91
C ILE A 218 -14.68 -11.26 18.32
N HIS A 219 -13.71 -10.71 19.03
CA HIS A 219 -12.30 -10.83 18.67
C HIS A 219 -11.71 -12.10 19.25
N PRO A 220 -10.99 -12.88 18.43
CA PRO A 220 -10.36 -14.09 18.87
C PRO A 220 -9.29 -13.67 19.85
N ASP A 221 -8.86 -14.59 20.69
CA ASP A 221 -7.83 -14.29 21.63
C ASP A 221 -6.49 -14.18 20.93
N ASP A 222 -5.63 -13.34 21.49
CA ASP A 222 -4.30 -13.11 20.99
C ASP A 222 -3.24 -13.24 22.10
N PRO A 223 -2.45 -14.33 22.10
CA PRO A 223 -2.41 -15.48 21.16
C PRO A 223 -3.64 -16.39 21.28
N PRO A 224 -3.99 -17.13 20.20
CA PRO A 224 -5.16 -18.02 20.18
C PRO A 224 -4.88 -19.39 20.84
N TYR A 225 -4.22 -19.32 22.00
CA TYR A 225 -4.05 -20.43 22.94
C TYR A 225 -3.78 -19.85 24.33
N GLY A 226 -3.84 -20.72 25.34
CA GLY A 226 -3.72 -20.30 26.71
C GLY A 226 -2.27 -20.03 27.06
N ILE A 227 -2.02 -18.97 27.83
CA ILE A 227 -0.68 -18.66 28.34
C ILE A 227 -0.83 -18.29 29.81
N PHE A 228 0.30 -18.31 30.53
CA PHE A 228 0.38 -18.04 31.98
C PHE A 228 -0.66 -18.75 32.86
N GLY A 229 -0.88 -20.05 32.58
CA GLY A 229 -1.92 -20.82 33.23
C GLY A 229 -3.34 -20.35 32.96
N LEU A 230 -3.47 -19.20 32.34
CA LEU A 230 -4.76 -18.65 32.01
C LEU A 230 -5.41 -19.34 30.81
N PRO A 231 -6.72 -19.54 30.88
CA PRO A 231 -7.51 -20.11 29.80
C PRO A 231 -7.83 -19.09 28.72
N ARG A 232 -7.99 -19.61 27.49
CA ARG A 232 -8.58 -18.90 26.33
C ARG A 232 -9.60 -19.84 25.70
N ILE A 233 -10.64 -19.28 25.10
CA ILE A 233 -11.64 -20.12 24.45
C ILE A 233 -12.05 -19.69 23.04
N ILE A 234 -11.58 -18.52 22.62
CA ILE A 234 -11.77 -18.11 21.22
C ILE A 234 -10.43 -18.29 20.46
N THR A 235 -10.21 -19.54 20.06
CA THR A 235 -8.90 -20.06 19.64
C THR A 235 -8.88 -20.67 18.22
N GLY A 236 -10.02 -21.16 17.73
CA GLY A 236 -10.05 -21.81 16.43
C GLY A 236 -11.39 -22.27 15.89
N GLN A 237 -11.32 -23.00 14.77
CA GLN A 237 -12.48 -23.39 13.95
C GLN A 237 -13.55 -24.05 14.81
N GLU A 238 -13.10 -25.06 15.54
CA GLU A 238 -13.89 -25.81 16.52
C GLU A 238 -14.68 -24.84 17.43
N ALA A 239 -14.00 -23.79 17.89
CA ALA A 239 -14.54 -22.77 18.83
C ALA A 239 -15.43 -21.73 18.15
N VAL A 240 -15.01 -21.22 17.01
CA VAL A 240 -15.92 -20.40 16.24
C VAL A 240 -17.24 -21.17 16.18
N GLU A 241 -17.24 -22.44 15.74
CA GLU A 241 -18.50 -23.18 15.58
C GLU A 241 -19.38 -23.11 16.83
N ARG A 242 -18.80 -23.33 18.00
CA ARG A 242 -19.54 -23.31 19.26
C ARG A 242 -20.08 -21.91 19.55
N PHE A 243 -19.34 -20.87 19.12
CA PHE A 243 -19.70 -19.49 19.43
C PHE A 243 -20.97 -19.11 18.71
N LEU A 244 -20.89 -19.24 17.38
CA LEU A 244 -21.99 -18.91 16.49
C LEU A 244 -23.20 -19.54 17.12
N ASN A 245 -23.09 -20.83 17.43
CA ASN A 245 -24.23 -21.62 17.88
C ASN A 245 -24.76 -21.18 19.24
N LEU A 246 -23.91 -20.59 20.09
CA LEU A 246 -24.36 -20.08 21.39
C LEU A 246 -25.65 -19.29 21.23
N TYR A 247 -25.81 -18.68 20.05
CA TYR A 247 -26.90 -17.77 19.74
C TYR A 247 -26.93 -17.67 18.21
N ASP A 248 -27.63 -18.60 17.58
CA ASP A 248 -27.73 -18.65 16.13
C ASP A 248 -28.52 -17.43 15.61
N SER A 249 -27.77 -16.43 15.15
CA SER A 249 -28.31 -15.12 14.69
C SER A 249 -27.19 -14.25 14.08
N GLU A 250 -27.51 -13.58 12.97
CA GLU A 250 -26.52 -12.79 12.20
C GLU A 250 -25.84 -11.68 12.97
N HIS A 251 -26.49 -11.13 14.00
CA HIS A 251 -25.90 -10.06 14.82
C HIS A 251 -25.06 -10.67 15.97
N ASN A 252 -24.95 -12.00 15.95
CA ASN A 252 -24.04 -12.77 16.80
C ASN A 252 -22.95 -13.36 15.93
N GLY A 253 -21.90 -12.60 15.74
CA GLY A 253 -20.79 -13.08 14.97
C GLY A 253 -19.46 -12.62 15.50
N ILE A 254 -18.51 -12.66 14.59
CA ILE A 254 -17.11 -12.58 14.94
C ILE A 254 -16.40 -11.45 14.18
N THR A 255 -15.22 -11.14 14.65
CA THR A 255 -14.26 -10.34 13.92
C THR A 255 -13.29 -11.38 13.37
N MET A 256 -13.16 -11.48 12.06
CA MET A 256 -12.22 -12.43 11.48
C MET A 256 -10.84 -11.82 11.37
N CYS A 257 -10.00 -12.16 12.34
CA CYS A 257 -8.68 -11.61 12.42
C CYS A 257 -7.76 -12.74 12.00
N VAL A 258 -7.46 -12.84 10.70
CA VAL A 258 -6.64 -13.95 10.19
C VAL A 258 -5.31 -14.04 10.94
N GLY A 259 -4.90 -12.92 11.54
CA GLY A 259 -3.57 -12.82 12.11
C GLY A 259 -3.50 -13.46 13.46
N SER A 260 -4.51 -13.17 14.28
CA SER A 260 -4.63 -13.80 15.60
C SER A 260 -4.63 -15.30 15.45
N TYR A 261 -5.55 -15.84 14.66
CA TYR A 261 -5.67 -17.28 14.50
C TYR A 261 -4.46 -17.99 13.83
N ALA A 262 -3.76 -17.29 12.94
CA ALA A 262 -2.59 -17.88 12.26
C ALA A 262 -1.30 -17.85 13.10
N SER A 263 -1.33 -17.16 14.22
CA SER A 263 -0.29 -17.29 15.22
C SER A 263 -0.19 -18.73 15.74
N ASP A 264 -1.30 -19.46 15.68
CA ASP A 264 -1.29 -20.89 15.89
C ASP A 264 -1.30 -21.59 14.53
N PRO A 265 -0.18 -22.23 14.14
CA PRO A 265 -0.04 -23.12 12.99
C PRO A 265 -1.09 -24.23 12.82
N LYS A 266 -1.67 -24.74 13.89
CA LYS A 266 -2.65 -25.81 13.71
C LYS A 266 -3.94 -25.32 13.09
N ASN A 267 -4.29 -24.06 13.38
CA ASN A 267 -5.37 -23.35 12.69
C ASN A 267 -5.17 -23.23 11.19
N ASP A 268 -6.27 -23.18 10.44
CA ASP A 268 -6.27 -23.00 8.99
C ASP A 268 -7.18 -21.84 8.70
N VAL A 269 -6.61 -20.64 8.55
CA VAL A 269 -7.46 -19.45 8.45
C VAL A 269 -8.27 -19.36 7.17
N LEU A 270 -7.82 -20.05 6.11
CA LEU A 270 -8.50 -19.93 4.82
C LEU A 270 -9.84 -20.60 4.94
N ALA A 271 -9.85 -21.76 5.62
CA ALA A 271 -11.06 -22.58 5.75
C ALA A 271 -11.96 -21.96 6.78
N MET A 272 -11.34 -21.36 7.79
CA MET A 272 -12.07 -20.67 8.84
C MET A 272 -12.85 -19.47 8.27
N THR A 273 -12.15 -18.68 7.46
CA THR A 273 -12.76 -17.55 6.79
C THR A 273 -13.98 -17.97 5.93
N GLU A 274 -13.79 -19.01 5.09
CA GLU A 274 -14.88 -19.49 4.23
C GLU A 274 -16.05 -19.97 5.08
N TYR A 275 -15.84 -21.00 5.90
CA TYR A 275 -16.88 -21.46 6.84
C TYR A 275 -17.82 -20.35 7.35
N ALA A 276 -17.25 -19.30 7.96
CA ALA A 276 -18.03 -18.22 8.58
C ALA A 276 -18.70 -17.26 7.61
N LEU A 277 -18.20 -17.21 6.37
CA LEU A 277 -18.81 -16.37 5.35
C LEU A 277 -20.13 -16.98 4.95
N LYS A 278 -20.19 -18.31 4.98
CA LYS A 278 -21.35 -19.11 4.53
C LYS A 278 -22.54 -18.97 5.45
N ARG A 279 -22.25 -18.80 6.73
CA ARG A 279 -23.27 -18.72 7.78
C ARG A 279 -23.77 -17.26 8.01
N ASN A 280 -23.29 -16.37 7.13
CA ASN A 280 -23.38 -14.90 7.23
C ASN A 280 -22.86 -14.37 8.56
N ARG A 281 -21.75 -14.97 9.01
CA ARG A 281 -21.26 -14.70 10.37
C ARG A 281 -20.02 -13.80 10.52
N ILE A 282 -19.49 -13.25 9.43
CA ILE A 282 -18.39 -12.26 9.54
C ILE A 282 -18.93 -10.81 9.53
N ASN A 283 -18.87 -10.16 10.69
CA ASN A 283 -19.41 -8.82 10.83
C ASN A 283 -18.36 -7.70 10.88
N PHE A 284 -17.19 -7.93 10.26
CA PHE A 284 -16.00 -7.05 10.40
C PHE A 284 -14.70 -7.84 10.20
N MET A 285 -13.77 -7.30 9.41
CA MET A 285 -12.55 -8.03 9.03
C MET A 285 -11.30 -7.32 9.52
N HIS A 286 -10.52 -7.95 10.40
CA HIS A 286 -9.16 -7.44 10.66
C HIS A 286 -8.26 -8.15 9.66
N THR A 287 -7.21 -7.50 9.14
CA THR A 287 -6.43 -8.16 8.08
C THR A 287 -4.89 -7.97 8.16
N ARG A 288 -4.31 -8.78 9.02
CA ARG A 288 -2.97 -8.57 9.60
C ARG A 288 -2.13 -9.78 9.25
N ASN A 289 -0.82 -9.60 9.06
CA ASN A 289 0.05 -10.74 8.68
C ASN A 289 1.13 -11.14 9.69
N VAL A 290 1.08 -12.42 10.05
CA VAL A 290 2.02 -12.95 11.00
C VAL A 290 2.86 -14.05 10.36
N THR A 291 4.01 -14.33 10.99
CA THR A 291 4.78 -15.57 10.80
C THR A 291 4.86 -16.26 12.17
N ALA A 292 5.03 -17.59 12.19
CA ALA A 292 4.86 -18.36 13.41
C ALA A 292 5.68 -19.67 13.49
N GLY A 293 5.25 -20.56 14.39
CA GLY A 293 5.90 -21.85 14.60
C GLY A 293 5.65 -22.33 16.02
N ALA A 294 6.35 -23.40 16.39
CA ALA A 294 6.35 -23.84 17.77
C ALA A 294 6.94 -22.71 18.66
N TRP A 295 7.87 -21.96 18.08
CA TRP A 295 8.57 -20.89 18.78
C TRP A 295 7.66 -19.76 19.34
N GLY A 296 6.54 -19.51 18.67
CA GLY A 296 5.73 -18.33 18.97
C GLY A 296 5.43 -17.60 17.66
N PHE A 297 5.10 -16.31 17.74
CA PHE A 297 4.73 -15.59 16.54
C PHE A 297 5.33 -14.18 16.44
N GLN A 298 5.69 -13.78 15.22
CA GLN A 298 6.10 -12.40 14.91
C GLN A 298 5.29 -11.75 13.81
N GLU A 299 4.91 -10.50 14.03
CA GLU A 299 4.12 -9.73 13.08
C GLU A 299 5.02 -9.19 11.96
N THR A 300 4.43 -9.00 10.77
CA THR A 300 5.21 -8.71 9.60
C THR A 300 4.51 -7.72 8.68
N ALA A 301 5.03 -7.56 7.47
CA ALA A 301 4.40 -6.71 6.49
C ALA A 301 3.06 -7.34 6.15
N HIS A 302 2.07 -6.52 5.78
CA HIS A 302 0.77 -7.05 5.43
C HIS A 302 0.84 -7.95 4.21
N LEU A 303 1.82 -7.71 3.36
CA LEU A 303 2.02 -8.47 2.14
C LEU A 303 2.20 -9.97 2.46
N SER A 304 1.64 -10.86 1.63
CA SER A 304 1.64 -12.32 1.90
C SER A 304 3.00 -13.08 2.09
N GLN A 305 3.96 -12.79 1.21
CA GLN A 305 5.23 -13.52 1.20
C GLN A 305 6.19 -13.04 2.29
N ALA A 306 5.73 -12.12 3.13
CA ALA A 306 6.47 -11.70 4.32
C ALA A 306 6.06 -12.57 5.53
N GLY A 307 4.81 -12.98 5.58
CA GLY A 307 4.38 -13.90 6.63
C GLY A 307 3.80 -15.24 6.17
N ASP A 308 2.96 -15.80 7.05
CA ASP A 308 2.47 -17.15 6.93
C ASP A 308 0.99 -17.17 6.47
N ILE A 309 0.47 -16.04 5.97
CA ILE A 309 -0.94 -15.99 5.54
C ILE A 309 -1.08 -15.61 4.09
N ASP A 310 -1.75 -16.43 3.30
CA ASP A 310 -1.97 -16.04 1.90
C ASP A 310 -3.14 -15.07 1.80
N MET A 311 -2.82 -13.78 1.92
CA MET A 311 -3.78 -12.69 1.93
C MET A 311 -4.68 -12.66 0.73
N ASN A 312 -4.12 -12.93 -0.44
CA ASN A 312 -4.89 -12.95 -1.68
C ASN A 312 -6.11 -13.87 -1.60
N ALA A 313 -5.88 -15.10 -1.16
CA ALA A 313 -6.98 -16.01 -0.82
C ALA A 313 -8.05 -15.39 0.10
N VAL A 314 -7.62 -14.72 1.16
CA VAL A 314 -8.58 -14.23 2.15
C VAL A 314 -9.46 -13.13 1.60
N VAL A 315 -8.91 -12.28 0.73
CA VAL A 315 -9.70 -11.25 0.08
C VAL A 315 -10.51 -11.87 -1.07
N LYS A 316 -9.93 -12.88 -1.73
CA LYS A 316 -10.65 -13.62 -2.77
C LYS A 316 -11.96 -14.19 -2.22
N LEU A 317 -11.87 -14.86 -1.08
CA LEU A 317 -13.04 -15.33 -0.35
C LEU A 317 -14.00 -14.20 -0.08
N LEU A 318 -13.47 -13.06 0.37
CA LEU A 318 -14.27 -11.86 0.60
C LEU A 318 -15.03 -11.37 -0.64
N VAL A 319 -14.63 -11.88 -1.81
CA VAL A 319 -15.17 -11.44 -3.11
C VAL A 319 -16.03 -12.53 -3.73
N ASP A 320 -15.64 -13.80 -3.56
CA ASP A 320 -16.52 -14.91 -3.90
C ASP A 320 -17.86 -14.85 -3.16
N TYR A 321 -17.82 -14.40 -1.90
CA TYR A 321 -19.00 -14.39 -1.03
C TYR A 321 -19.66 -12.99 -0.84
N ASP A 322 -19.47 -12.11 -1.81
CA ASP A 322 -20.17 -10.82 -1.81
C ASP A 322 -20.25 -10.14 -0.42
N TRP A 323 -19.17 -10.23 0.36
CA TRP A 323 -19.15 -9.84 1.76
C TRP A 323 -19.41 -8.35 2.02
N GLN A 324 -20.36 -8.05 2.91
CA GLN A 324 -20.72 -6.67 3.23
C GLN A 324 -20.44 -6.32 4.69
N GLY A 325 -19.27 -5.76 4.92
CA GLY A 325 -18.94 -5.16 6.20
C GLY A 325 -17.80 -4.22 5.90
N SER A 326 -16.83 -4.15 6.82
CA SER A 326 -15.67 -3.31 6.63
C SER A 326 -14.37 -3.97 7.12
N LEU A 327 -13.27 -3.70 6.42
CA LEU A 327 -11.99 -4.37 6.70
C LEU A 327 -11.00 -3.36 7.21
N ARG A 328 -10.23 -3.72 8.23
CA ARG A 328 -9.18 -2.85 8.73
C ARG A 328 -7.81 -3.52 8.63
N PRO A 329 -6.93 -2.97 7.80
CA PRO A 329 -5.57 -3.46 7.92
C PRO A 329 -5.23 -3.24 9.35
N ASP A 330 -4.79 -4.27 10.04
CA ASP A 330 -4.50 -4.04 11.44
C ASP A 330 -3.01 -3.68 11.61
N HIS A 331 -2.53 -3.67 12.85
CA HIS A 331 -1.13 -3.37 13.19
C HIS A 331 -0.14 -3.09 12.02
N GLY A 332 0.90 -2.31 12.29
CA GLY A 332 1.98 -2.09 11.32
C GLY A 332 3.35 -2.02 11.96
N ARG A 333 4.37 -2.24 11.15
CA ARG A 333 5.74 -2.23 11.64
C ARG A 333 6.11 -0.82 12.07
N ARG A 334 7.32 -0.66 12.58
CA ARG A 334 7.77 0.64 13.02
C ARG A 334 8.75 1.14 11.98
N ILE A 335 8.21 1.85 11.02
CA ILE A 335 8.98 2.24 9.85
C ILE A 335 9.13 3.75 9.79
N TRP A 336 10.28 4.16 9.28
CA TRP A 336 10.47 5.53 8.88
C TRP A 336 10.41 6.53 10.04
N GLY A 337 11.24 6.33 11.07
CA GLY A 337 11.34 7.28 12.17
C GLY A 337 10.06 7.52 12.97
N ASP A 338 9.00 6.75 12.66
CA ASP A 338 7.68 6.86 13.32
C ASP A 338 7.81 6.81 14.84
N GLN A 339 7.38 7.89 15.50
CA GLN A 339 7.51 8.07 16.96
C GLN A 339 6.22 7.76 17.73
N THR A 340 5.40 6.86 17.18
CA THR A 340 4.20 6.41 17.91
C THR A 340 4.48 5.27 18.89
N LYS A 341 4.40 5.56 20.18
CA LYS A 341 4.53 4.54 21.23
C LYS A 341 3.14 3.99 21.60
N THR A 342 2.63 3.13 20.75
CA THR A 342 1.43 2.38 20.99
C THR A 342 1.74 1.12 20.20
N PRO A 343 1.39 -0.07 20.72
CA PRO A 343 1.59 -1.33 20.04
C PRO A 343 1.97 -1.24 18.54
N GLY A 344 1.01 -1.32 17.63
CA GLY A 344 1.32 -1.22 16.21
C GLY A 344 0.40 -0.24 15.54
N TYR A 345 0.25 0.94 16.16
CA TYR A 345 -0.74 1.89 15.68
C TYR A 345 -0.26 3.09 14.87
N GLY A 346 1.07 3.21 14.72
CA GLY A 346 1.67 4.16 13.78
C GLY A 346 0.91 4.26 12.45
N LEU A 347 1.14 5.33 11.72
CA LEU A 347 0.34 5.58 10.52
C LEU A 347 0.82 4.85 9.26
N TYR A 348 2.13 4.75 9.10
CA TYR A 348 2.71 4.41 7.83
C TYR A 348 2.48 2.97 7.38
N ASP A 349 3.08 1.99 8.04
CA ASP A 349 2.85 0.60 7.62
C ASP A 349 1.42 0.12 7.90
N ARG A 350 0.71 0.76 8.80
CA ARG A 350 -0.71 0.55 8.92
C ARG A 350 -1.39 1.01 7.60
N ALA A 351 -1.05 2.22 7.14
CA ALA A 351 -1.54 2.77 5.86
C ALA A 351 -1.02 2.04 4.58
N LEU A 352 0.18 1.45 4.65
CA LEU A 352 0.75 0.68 3.53
C LEU A 352 -0.01 -0.62 3.33
N GLY A 353 -0.52 -1.16 4.43
CA GLY A 353 -1.40 -2.32 4.39
C GLY A 353 -2.65 -1.94 3.62
N ALA A 354 -3.30 -0.87 4.10
CA ALA A 354 -4.53 -0.41 3.52
C ALA A 354 -4.48 -0.52 2.01
N THR A 355 -3.47 0.11 1.42
CA THR A 355 -3.37 0.24 -0.04
C THR A 355 -3.03 -1.07 -0.75
N TYR A 356 -2.25 -1.93 -0.09
CA TYR A 356 -2.08 -3.34 -0.49
C TYR A 356 -3.42 -4.06 -0.59
N PHE A 357 -4.25 -3.90 0.43
CA PHE A 357 -5.59 -4.48 0.39
C PHE A 357 -6.48 -3.87 -0.67
N ASN A 358 -6.34 -2.56 -0.87
CA ASN A 358 -6.98 -1.83 -1.99
C ASN A 358 -6.65 -2.49 -3.33
N GLY A 359 -5.38 -2.72 -3.59
CA GLY A 359 -4.96 -3.52 -4.73
C GLY A 359 -5.61 -4.89 -4.80
N LEU A 360 -5.51 -5.68 -3.73
CA LEU A 360 -5.92 -7.09 -3.80
C LEU A 360 -7.41 -7.26 -4.06
N TYR A 361 -8.22 -6.42 -3.41
CA TYR A 361 -9.68 -6.39 -3.59
C TYR A 361 -10.06 -6.10 -5.06
N GLU A 362 -9.94 -4.83 -5.46
CA GLU A 362 -10.04 -4.40 -6.87
C GLU A 362 -9.55 -5.48 -7.82
N ALA A 363 -8.27 -5.86 -7.69
CA ALA A 363 -7.67 -6.80 -8.63
C ALA A 363 -8.51 -8.06 -8.75
N ASN A 364 -9.06 -8.50 -7.61
CA ASN A 364 -9.90 -9.69 -7.61
C ASN A 364 -11.27 -9.40 -8.15
N MET A 365 -11.89 -8.31 -7.67
CA MET A 365 -13.18 -7.83 -8.19
C MET A 365 -13.32 -7.92 -9.74
N ARG A 366 -12.28 -7.52 -10.46
CA ARG A 366 -12.34 -7.49 -11.91
C ARG A 366 -12.15 -8.86 -12.55
N ALA A 367 -11.57 -9.80 -11.82
CA ALA A 367 -11.41 -11.14 -12.38
C ALA A 367 -12.70 -11.95 -12.20
N ALA A 368 -13.49 -11.52 -11.21
CA ALA A 368 -14.80 -12.10 -10.88
C ALA A 368 -15.85 -11.76 -11.92
N GLY A 369 -16.06 -10.46 -12.12
CA GLY A 369 -17.06 -9.91 -13.03
C GLY A 369 -17.73 -8.77 -12.30
N LYS A 370 -17.07 -8.32 -11.23
CA LYS A 370 -17.60 -7.28 -10.35
C LYS A 370 -16.78 -6.02 -10.48
N THR A 371 -17.45 -4.91 -10.24
CA THR A 371 -16.81 -3.63 -10.31
C THR A 371 -16.56 -3.20 -8.88
N PRO A 372 -15.30 -2.92 -8.53
CA PRO A 372 -14.96 -2.52 -7.18
C PRO A 372 -15.51 -1.14 -6.90
N ASP A 373 -15.07 -0.52 -5.81
CA ASP A 373 -15.49 0.82 -5.45
C ASP A 373 -14.82 1.16 -4.16
N PHE A 374 -14.45 2.43 -3.99
CA PHE A 374 -13.82 2.89 -2.75
C PHE A 374 -14.58 4.11 -2.27
N GLY A 375 -13.88 5.05 -1.65
CA GLY A 375 -14.53 6.29 -1.20
C GLY A 375 -14.75 7.28 -2.34
N ILE A 376 -14.60 6.78 -3.58
CA ILE A 376 -14.50 7.65 -4.74
C ILE A 376 -15.84 8.15 -5.27
N LYS A 377 -15.86 9.48 -5.40
CA LYS A 377 -16.98 10.27 -5.88
C LYS A 377 -16.44 11.15 -7.02
N ALA A 378 -15.97 12.36 -6.69
CA ALA A 378 -15.37 13.28 -7.67
C ALA A 378 -13.85 13.17 -7.74
N LYS A 379 -13.32 12.60 -8.85
CA LYS A 379 -11.87 12.53 -9.12
C LYS A 379 -11.16 13.88 -8.90
N THR A 380 -11.86 14.97 -9.21
CA THR A 380 -11.25 16.27 -9.12
C THR A 380 -12.22 17.32 -8.57
N VAL A 381 -11.69 18.22 -7.76
CA VAL A 381 -12.46 19.30 -7.18
C VAL A 381 -12.85 20.27 -8.29
N GLY B 18 8.62 -16.19 -17.73
CA GLY B 18 7.74 -15.81 -16.57
C GLY B 18 8.03 -14.44 -15.97
N SER B 19 7.00 -13.79 -15.43
CA SER B 19 7.14 -12.41 -14.96
C SER B 19 8.05 -12.33 -13.73
N HIS B 20 9.23 -11.75 -13.94
CA HIS B 20 10.11 -11.35 -12.86
C HIS B 20 9.96 -9.83 -12.86
N MET B 21 8.86 -9.32 -12.27
CA MET B 21 8.61 -7.86 -12.12
C MET B 21 9.10 -7.23 -10.79
N LYS B 22 10.29 -6.65 -10.81
CA LYS B 22 10.93 -6.02 -9.64
C LYS B 22 10.36 -4.63 -9.26
N MET B 23 9.64 -4.54 -8.15
CA MET B 23 9.21 -3.24 -7.63
C MET B 23 10.40 -2.30 -7.25
N SER B 24 10.27 -1.00 -7.54
CA SER B 24 11.39 -0.05 -7.46
C SER B 24 11.00 1.32 -6.96
N PHE B 25 12.01 2.09 -6.57
CA PHE B 25 11.82 3.44 -6.10
C PHE B 25 12.90 4.33 -6.71
N ARG B 26 12.53 5.57 -7.03
CA ARG B 26 13.53 6.54 -7.43
C ARG B 26 14.11 7.15 -6.17
N TRP B 27 15.42 7.35 -6.22
CA TRP B 27 16.21 7.82 -5.11
C TRP B 27 17.33 8.68 -5.69
N TYR B 28 17.42 9.93 -5.23
CA TYR B 28 18.38 10.88 -5.78
C TYR B 28 19.77 10.88 -5.17
N GLY B 29 20.07 9.87 -4.38
CA GLY B 29 21.42 9.68 -3.85
C GLY B 29 21.60 10.29 -2.48
N LYS B 30 22.82 10.74 -2.18
CA LYS B 30 23.22 11.21 -0.84
C LYS B 30 22.39 12.42 -0.39
N LYS B 31 21.90 13.15 -1.39
CA LYS B 31 21.23 14.44 -1.21
C LYS B 31 19.68 14.35 -1.19
N ASP B 32 19.15 13.14 -1.08
CA ASP B 32 17.70 12.93 -1.13
C ASP B 32 17.08 13.18 0.25
N PRO B 33 15.98 13.92 0.29
CA PRO B 33 15.09 13.90 1.45
C PRO B 33 14.90 12.48 1.99
N VAL B 34 14.43 11.56 1.14
CA VAL B 34 14.11 10.20 1.54
C VAL B 34 15.34 9.31 1.42
N THR B 35 15.56 8.47 2.44
CA THR B 35 16.78 7.65 2.59
C THR B 35 16.63 6.20 2.11
N LEU B 36 17.76 5.53 1.91
CA LEU B 36 17.77 4.15 1.41
C LEU B 36 17.13 3.21 2.41
N GLU B 37 17.51 3.34 3.68
CA GLU B 37 16.90 2.56 4.74
C GLU B 37 15.39 2.60 4.67
N GLU B 38 14.81 3.80 4.55
CA GLU B 38 13.37 3.94 4.45
C GLU B 38 12.75 3.18 3.29
N ILE B 39 13.36 3.31 2.11
CA ILE B 39 12.92 2.61 0.90
C ILE B 39 12.95 1.12 1.17
N LYS B 40 13.99 0.70 1.86
CA LYS B 40 14.15 -0.70 2.20
C LYS B 40 12.91 -1.22 2.92
N ALA B 41 12.29 -0.36 3.72
CA ALA B 41 11.14 -0.76 4.51
C ALA B 41 9.82 -0.76 3.77
N ILE B 42 9.84 -0.58 2.46
CA ILE B 42 8.58 -0.73 1.71
C ILE B 42 8.50 -2.18 1.28
N PRO B 43 7.54 -2.94 1.82
CA PRO B 43 7.55 -4.40 1.62
C PRO B 43 7.53 -4.72 0.15
N GLY B 44 8.31 -5.70 -0.27
CA GLY B 44 8.31 -6.10 -1.66
C GLY B 44 9.29 -5.35 -2.53
N MET B 45 9.90 -4.29 -1.96
CA MET B 45 10.78 -3.38 -2.70
C MET B 45 12.13 -4.04 -3.08
N GLN B 46 12.50 -4.01 -4.36
CA GLN B 46 13.68 -4.75 -4.79
C GLN B 46 14.72 -3.82 -5.37
N GLY B 47 14.27 -2.89 -6.22
CA GLY B 47 15.14 -2.08 -7.03
C GLY B 47 15.25 -0.66 -6.57
N ILE B 48 16.40 -0.07 -6.89
CA ILE B 48 16.64 1.38 -6.78
C ILE B 48 16.81 2.00 -8.17
N VAL B 49 16.14 3.12 -8.41
CA VAL B 49 16.27 3.86 -9.66
C VAL B 49 16.91 5.21 -9.35
N THR B 50 18.08 5.44 -9.92
CA THR B 50 18.89 6.61 -9.56
C THR B 50 19.81 7.07 -10.68
N ALA B 51 20.51 8.19 -10.48
CA ALA B 51 21.46 8.68 -11.47
C ALA B 51 22.71 9.34 -10.87
N VAL B 52 23.79 9.33 -11.65
CA VAL B 52 25.01 10.07 -11.37
C VAL B 52 24.70 11.55 -11.57
N TYR B 53 24.91 12.35 -10.53
CA TYR B 53 24.51 13.77 -10.53
C TYR B 53 25.68 14.80 -10.47
N ASP B 54 26.92 14.30 -10.47
CA ASP B 54 28.11 15.15 -10.28
C ASP B 54 28.90 15.39 -11.59
N VAL B 55 28.21 15.35 -12.71
CA VAL B 55 28.85 15.43 -14.01
C VAL B 55 27.89 16.12 -15.00
N PRO B 56 28.32 17.23 -15.61
CA PRO B 56 27.57 18.03 -16.56
C PRO B 56 26.92 17.26 -17.75
N VAL B 57 25.74 17.72 -18.17
CA VAL B 57 24.96 17.09 -19.23
C VAL B 57 25.76 16.97 -20.53
N GLY B 58 25.73 15.79 -21.11
CA GLY B 58 26.48 15.48 -22.33
C GLY B 58 27.93 15.12 -22.04
N GLN B 59 28.27 14.99 -20.76
CA GLN B 59 29.69 14.99 -20.39
C GLN B 59 30.40 13.68 -20.14
N ALA B 60 29.67 12.60 -19.89
CA ALA B 60 30.22 11.24 -19.69
C ALA B 60 30.45 10.83 -18.24
N TRP B 61 29.71 9.80 -17.88
CA TRP B 61 29.70 9.23 -16.56
C TRP B 61 30.94 8.32 -16.48
N PRO B 62 31.79 8.55 -15.46
CA PRO B 62 32.87 7.60 -15.13
C PRO B 62 32.40 6.43 -14.28
N LEU B 63 33.07 5.30 -14.41
CA LEU B 63 32.69 4.08 -13.70
C LEU B 63 32.59 4.27 -12.18
N GLU B 64 33.40 5.20 -11.67
CA GLU B 64 33.55 5.38 -10.24
C GLU B 64 32.41 6.19 -9.61
N ASN B 65 31.76 7.06 -10.37
CA ASN B 65 30.59 7.71 -9.83
C ASN B 65 29.49 6.69 -9.72
N ILE B 66 29.51 5.75 -10.66
CA ILE B 66 28.47 4.75 -10.78
C ILE B 66 28.72 3.64 -9.77
N LEU B 67 29.97 3.24 -9.60
CA LEU B 67 30.25 2.21 -8.58
C LEU B 67 30.02 2.62 -7.12
N GLU B 68 29.99 3.95 -6.89
CA GLU B 68 29.80 4.60 -5.58
C GLU B 68 28.33 4.66 -5.17
N LEU B 69 27.45 4.79 -6.16
CA LEU B 69 26.01 4.65 -5.97
C LEU B 69 25.69 3.18 -5.71
N LYS B 70 26.31 2.29 -6.49
CA LYS B 70 25.97 0.91 -6.42
C LYS B 70 26.36 0.45 -5.05
N LYS B 71 27.61 0.75 -4.68
CA LYS B 71 28.17 0.33 -3.39
C LYS B 71 27.21 0.66 -2.25
N MET B 72 26.67 1.87 -2.27
CA MET B 72 25.72 2.29 -1.25
C MET B 72 24.42 1.47 -1.24
N VAL B 73 23.84 1.35 -2.43
CA VAL B 73 22.52 0.77 -2.63
C VAL B 73 22.54 -0.69 -2.16
N GLU B 74 23.58 -1.42 -2.53
CA GLU B 74 23.68 -2.82 -2.11
C GLU B 74 23.94 -2.91 -0.61
N GLU B 75 24.75 -2.01 -0.10
CA GLU B 75 24.97 -1.90 1.36
C GLU B 75 23.68 -1.89 2.18
N ALA B 76 22.63 -1.26 1.65
CA ALA B 76 21.30 -1.28 2.26
C ALA B 76 20.38 -2.38 1.70
N GLY B 77 20.97 -3.46 1.22
CA GLY B 77 20.23 -4.64 0.74
C GLY B 77 19.28 -4.46 -0.43
N LEU B 78 19.76 -3.82 -1.48
CA LEU B 78 18.95 -3.49 -2.66
C LEU B 78 19.89 -3.49 -3.85
N GLU B 79 19.36 -3.28 -5.05
CA GLU B 79 20.14 -3.30 -6.27
C GLU B 79 19.60 -2.31 -7.27
N ILE B 80 20.50 -1.68 -8.01
CA ILE B 80 20.06 -0.67 -8.96
C ILE B 80 19.60 -1.40 -10.20
N THR B 81 18.29 -1.35 -10.43
CA THR B 81 17.65 -1.92 -11.62
C THR B 81 17.58 -0.99 -12.82
N VAL B 82 17.42 0.30 -12.58
CA VAL B 82 17.36 1.25 -13.68
C VAL B 82 18.26 2.42 -13.34
N ILE B 83 19.04 2.86 -14.33
CA ILE B 83 19.74 4.15 -14.24
C ILE B 83 18.78 5.16 -14.84
N GLU B 84 18.10 5.96 -14.03
CA GLU B 84 17.17 6.92 -14.64
C GLU B 84 17.81 8.22 -14.99
N SER B 85 18.06 8.27 -16.31
CA SER B 85 18.46 9.42 -17.06
C SER B 85 19.92 9.70 -16.99
N ILE B 86 20.58 9.24 -18.07
CA ILE B 86 21.71 9.96 -18.64
C ILE B 86 21.07 11.12 -19.46
N PRO B 87 21.30 12.37 -19.03
CA PRO B 87 20.71 13.54 -19.67
C PRO B 87 21.18 13.73 -21.09
N VAL B 88 20.22 13.83 -22.01
CA VAL B 88 20.48 14.05 -23.42
C VAL B 88 20.60 15.56 -23.69
N HIS B 89 21.79 15.98 -24.13
CA HIS B 89 22.16 17.40 -24.25
C HIS B 89 21.34 18.05 -25.35
N GLU B 90 21.00 19.33 -25.13
CA GLU B 90 20.23 20.12 -26.11
C GLU B 90 20.86 20.19 -27.53
N ASP B 91 22.19 20.25 -27.62
CA ASP B 91 22.88 20.17 -28.90
C ASP B 91 22.45 18.92 -29.73
N ILE B 92 22.58 17.71 -29.16
CA ILE B 92 22.01 16.48 -29.80
C ILE B 92 20.53 16.65 -30.12
N LYS B 93 19.72 17.05 -29.15
CA LYS B 93 18.29 17.36 -29.41
C LYS B 93 18.08 18.42 -30.49
N GLN B 94 19.06 19.29 -30.70
CA GLN B 94 19.01 20.23 -31.82
C GLN B 94 19.58 19.65 -33.13
N GLY B 95 20.52 18.72 -32.98
CA GLY B 95 21.23 18.14 -34.12
C GLY B 95 22.31 19.04 -34.65
N LYS B 96 22.77 19.98 -33.82
CA LYS B 96 23.86 20.88 -34.18
C LYS B 96 25.10 20.08 -34.61
N PRO B 97 25.89 20.65 -35.55
CA PRO B 97 27.10 20.03 -36.16
C PRO B 97 28.03 19.29 -35.18
N ASN B 98 28.01 19.69 -33.92
CA ASN B 98 28.99 19.21 -32.93
C ASN B 98 28.59 17.98 -32.13
N ARG B 99 27.37 17.50 -32.32
CA ARG B 99 26.77 16.46 -31.46
C ARG B 99 27.56 15.16 -31.26
N ASP B 100 28.31 14.74 -32.28
CA ASP B 100 29.10 13.51 -32.23
C ASP B 100 30.00 13.46 -30.99
N ALA B 101 30.44 14.66 -30.60
CA ALA B 101 31.28 14.91 -29.43
C ALA B 101 30.53 14.53 -28.16
N LEU B 102 29.34 15.12 -28.03
CA LEU B 102 28.47 14.80 -26.91
C LEU B 102 28.00 13.37 -27.05
N ILE B 103 27.76 12.92 -28.28
CA ILE B 103 27.15 11.61 -28.46
C ILE B 103 28.08 10.53 -27.96
N GLU B 104 29.39 10.71 -28.17
CA GLU B 104 30.35 9.69 -27.74
C GLU B 104 30.37 9.55 -26.21
N ASN B 105 30.23 10.69 -25.51
CA ASN B 105 30.10 10.71 -24.03
C ASN B 105 28.89 9.91 -23.53
N TYR B 106 27.90 9.73 -24.39
CA TYR B 106 26.74 8.94 -24.06
C TYR B 106 27.13 7.50 -24.20
N LYS B 107 27.96 7.22 -25.18
CA LYS B 107 28.41 5.86 -25.38
C LYS B 107 29.27 5.34 -24.21
N THR B 108 30.08 6.23 -23.63
CA THR B 108 30.98 5.90 -22.52
C THR B 108 30.14 5.71 -21.28
N SER B 109 29.11 6.54 -21.17
CA SER B 109 28.09 6.47 -20.11
C SER B 109 27.34 5.12 -20.14
N ILE B 110 26.70 4.82 -21.27
CA ILE B 110 26.15 3.48 -21.55
C ILE B 110 27.13 2.33 -21.17
N ARG B 111 28.31 2.34 -21.79
CA ARG B 111 29.30 1.31 -21.58
C ARG B 111 29.50 1.13 -20.10
N ASN B 112 29.82 2.21 -19.40
CA ASN B 112 30.14 2.15 -17.99
C ASN B 112 28.98 1.72 -17.12
N VAL B 113 27.75 2.07 -17.51
CA VAL B 113 26.55 1.46 -16.91
C VAL B 113 26.63 -0.08 -17.13
N GLY B 114 26.92 -0.45 -18.37
CA GLY B 114 27.07 -1.86 -18.70
C GLY B 114 28.19 -2.46 -17.88
N ALA B 115 29.12 -1.59 -17.47
CA ALA B 115 30.26 -2.01 -16.67
C ALA B 115 29.95 -2.08 -15.16
N ALA B 116 28.83 -1.53 -14.73
CA ALA B 116 28.41 -1.61 -13.30
C ALA B 116 27.34 -2.68 -13.05
N GLY B 117 26.99 -3.42 -14.11
CA GLY B 117 26.00 -4.49 -14.03
C GLY B 117 24.56 -4.04 -13.97
N ILE B 118 24.28 -2.85 -14.50
CA ILE B 118 22.90 -2.28 -14.53
C ILE B 118 22.21 -2.52 -15.89
N PRO B 119 21.06 -3.22 -15.88
CA PRO B 119 20.44 -3.62 -17.14
C PRO B 119 19.75 -2.53 -17.99
N VAL B 120 19.47 -1.35 -17.43
CA VAL B 120 18.55 -0.43 -18.11
C VAL B 120 18.78 1.03 -17.83
N VAL B 121 19.05 1.77 -18.90
CA VAL B 121 19.13 3.21 -18.85
C VAL B 121 17.92 3.83 -19.47
N CYS B 122 17.42 4.87 -18.81
CA CYS B 122 16.19 5.56 -19.17
C CYS B 122 16.49 7.00 -19.56
N TYR B 123 15.96 7.45 -20.70
CA TYR B 123 16.21 8.83 -21.17
C TYR B 123 14.96 9.52 -21.78
N ASN B 124 15.16 10.75 -22.22
CA ASN B 124 14.12 11.50 -22.97
C ASN B 124 14.72 12.45 -24.00
N PHE B 125 13.98 12.66 -25.09
CA PHE B 125 14.41 13.53 -26.18
C PHE B 125 13.48 14.73 -26.22
N MET B 126 13.19 15.26 -25.02
CA MET B 126 12.28 16.40 -24.83
C MET B 126 13.07 17.69 -24.87
N PRO B 127 12.89 18.49 -25.93
CA PRO B 127 13.53 19.78 -26.07
C PRO B 127 13.20 20.79 -24.95
N VAL B 128 14.25 21.22 -24.24
CA VAL B 128 14.19 22.24 -23.17
C VAL B 128 13.43 21.83 -21.89
N PHE B 129 12.20 21.32 -22.06
CA PHE B 129 11.29 21.12 -20.92
C PHE B 129 10.90 19.68 -20.61
N ASP B 130 11.63 19.10 -19.67
CA ASP B 130 11.40 17.76 -19.14
C ASP B 130 9.98 17.54 -18.65
N TRP B 131 9.43 18.57 -18.00
CA TRP B 131 8.04 18.56 -17.57
C TRP B 131 7.53 19.97 -17.52
N THR B 132 6.22 20.12 -17.55
CA THR B 132 5.60 21.42 -17.40
C THR B 132 4.55 21.31 -16.29
N ARG B 133 4.67 22.17 -15.29
CA ARG B 133 3.78 22.14 -14.12
C ARG B 133 3.33 23.52 -13.68
N SER B 134 2.03 23.76 -13.82
CA SER B 134 1.37 25.01 -13.42
C SER B 134 1.27 25.11 -11.89
N ASP B 135 0.71 24.05 -11.29
CA ASP B 135 0.49 23.99 -9.84
C ASP B 135 1.25 22.79 -9.26
N LEU B 136 2.09 23.07 -8.27
CA LEU B 136 2.81 22.05 -7.53
C LEU B 136 2.05 21.69 -6.26
N HIS B 137 1.07 22.54 -5.90
CA HIS B 137 0.26 22.41 -4.67
C HIS B 137 -1.24 22.32 -4.94
N HIS B 138 -1.63 21.64 -6.00
CA HIS B 138 -3.03 21.57 -6.36
C HIS B 138 -3.85 20.63 -5.48
N PRO B 139 -4.79 21.19 -4.71
CA PRO B 139 -5.77 20.42 -3.94
C PRO B 139 -6.47 19.28 -4.72
N LEU B 140 -6.94 18.31 -3.95
CA LEU B 140 -7.67 17.18 -4.45
C LEU B 140 -8.82 16.92 -3.48
N PRO B 141 -9.94 16.37 -3.99
CA PRO B 141 -11.13 15.96 -3.23
C PRO B 141 -10.85 15.42 -1.84
N ASP B 142 -9.89 14.52 -1.73
CA ASP B 142 -9.60 13.84 -0.47
C ASP B 142 -8.78 14.68 0.51
N GLY B 143 -8.32 15.85 0.05
CA GLY B 143 -7.61 16.80 0.91
C GLY B 143 -6.13 16.94 0.64
N SER B 144 -5.57 16.04 -0.17
CA SER B 144 -4.18 16.14 -0.56
C SER B 144 -3.97 17.19 -1.66
N THR B 145 -2.76 17.73 -1.71
CA THR B 145 -2.33 18.52 -2.84
C THR B 145 -1.53 17.60 -3.79
N SER B 146 -1.33 18.05 -5.03
CA SER B 146 -0.57 17.29 -6.03
C SER B 146 -0.13 18.19 -7.18
N LEU B 147 0.47 17.59 -8.22
CA LEU B 147 0.88 18.32 -9.41
C LEU B 147 -0.22 18.25 -10.44
N ALA B 148 -0.50 19.38 -11.07
CA ALA B 148 -1.48 19.45 -12.17
C ALA B 148 -1.01 20.38 -13.29
N PHE B 149 -1.70 20.28 -14.43
CA PHE B 149 -1.38 21.03 -15.65
C PHE B 149 -2.55 21.91 -16.07
N LEU B 150 -2.59 23.12 -15.49
CA LEU B 150 -3.60 24.12 -15.81
C LEU B 150 -3.37 24.60 -17.25
N LYS B 151 -4.09 23.98 -18.19
CA LYS B 151 -3.93 24.20 -19.63
C LYS B 151 -4.10 25.66 -20.02
N SER B 152 -4.85 26.39 -19.18
CA SER B 152 -5.13 27.80 -19.41
C SER B 152 -4.08 28.69 -18.74
N ASP B 153 -3.79 28.37 -17.48
CA ASP B 153 -3.22 29.32 -16.52
C ASP B 153 -1.70 29.58 -16.67
N LEU B 154 -1.36 30.83 -17.00
CA LEU B 154 -0.03 31.24 -17.51
C LEU B 154 0.34 30.55 -18.83
N ALA B 155 -0.07 29.29 -18.99
CA ALA B 155 0.23 28.49 -20.17
C ALA B 155 -0.21 29.17 -21.46
N GLY B 156 0.49 28.82 -22.55
CA GLY B 156 0.38 29.51 -23.84
C GLY B 156 1.19 30.80 -23.88
N VAL B 157 2.07 30.97 -22.90
CA VAL B 157 2.95 32.14 -22.78
C VAL B 157 4.40 31.69 -22.50
N ASP B 158 5.35 32.45 -23.05
CA ASP B 158 6.78 32.26 -22.81
C ASP B 158 7.09 32.20 -21.30
N PRO B 159 7.80 31.14 -20.86
CA PRO B 159 8.37 31.02 -19.52
C PRO B 159 9.71 31.75 -19.40
N VAL B 160 9.64 32.94 -18.80
CA VAL B 160 10.72 33.92 -18.82
C VAL B 160 11.96 33.48 -18.05
N ALA B 180 18.28 31.20 -26.07
CA ALA B 180 18.63 31.13 -27.49
C ALA B 180 17.92 29.95 -28.16
N ILE B 181 18.09 28.79 -27.53
CA ILE B 181 17.65 27.48 -28.03
C ILE B 181 16.16 27.40 -28.39
N ILE B 182 15.35 28.07 -27.58
CA ILE B 182 13.90 28.00 -27.71
C ILE B 182 13.47 28.45 -29.09
N GLU B 183 13.95 29.62 -29.52
CA GLU B 183 13.61 30.18 -30.84
C GLU B 183 14.16 29.38 -32.03
N ASN B 184 15.23 28.62 -31.81
CA ASN B 184 15.73 27.69 -32.82
C ASN B 184 14.66 26.62 -33.11
N TYR B 185 14.09 26.06 -32.03
CA TYR B 185 12.99 25.10 -32.10
C TYR B 185 11.74 25.77 -32.63
N ARG B 186 11.38 26.88 -31.99
CA ARG B 186 10.26 27.69 -32.44
C ARG B 186 10.28 27.95 -33.97
N GLN B 187 11.48 28.14 -34.53
CA GLN B 187 11.65 28.66 -35.90
C GLN B 187 12.05 27.67 -37.00
N ASN B 188 13.04 26.82 -36.72
CA ASN B 188 13.62 25.96 -37.75
C ASN B 188 13.33 24.48 -37.55
N ILE B 189 13.66 23.95 -36.37
CA ILE B 189 13.45 22.53 -36.03
C ILE B 189 11.98 22.12 -36.02
N SER B 190 11.58 21.38 -37.04
CA SER B 190 10.25 20.82 -37.18
C SER B 190 10.18 19.47 -36.46
N GLU B 191 8.99 18.85 -36.38
CA GLU B 191 8.87 17.53 -35.72
C GLU B 191 9.74 16.51 -36.45
N GLU B 192 9.57 16.43 -37.76
CA GLU B 192 10.40 15.60 -38.59
C GLU B 192 11.88 16.01 -38.51
N ASP B 193 12.15 17.27 -38.23
CA ASP B 193 13.54 17.65 -38.04
C ASP B 193 14.01 17.01 -36.75
N LEU B 194 13.17 17.07 -35.72
CA LEU B 194 13.53 16.46 -34.44
C LEU B 194 13.57 14.97 -34.56
N TRP B 195 12.66 14.38 -35.34
CA TRP B 195 12.62 12.94 -35.56
C TRP B 195 13.96 12.41 -36.08
N ALA B 196 14.42 13.02 -37.17
CA ALA B 196 15.66 12.66 -37.84
C ALA B 196 16.85 12.78 -36.89
N ASN B 197 16.91 13.89 -36.13
CA ASN B 197 17.87 14.11 -35.01
C ASN B 197 17.94 12.93 -34.02
N LEU B 198 16.76 12.46 -33.60
CA LEU B 198 16.55 11.27 -32.79
C LEU B 198 16.96 10.01 -33.53
N GLU B 199 16.66 9.92 -34.82
CA GLU B 199 17.07 8.73 -35.57
C GLU B 199 18.57 8.69 -35.56
N TYR B 200 19.16 9.86 -35.78
CA TYR B 200 20.58 9.98 -35.81
C TYR B 200 21.04 9.43 -34.50
N PHE B 201 20.60 10.07 -33.42
CA PHE B 201 21.00 9.70 -32.03
C PHE B 201 21.08 8.21 -31.76
N ILE B 202 19.97 7.52 -31.93
CA ILE B 202 19.91 6.17 -31.41
C ILE B 202 20.56 5.20 -32.38
N LYS B 203 20.72 5.64 -33.62
CA LYS B 203 21.42 4.83 -34.63
C LYS B 203 22.90 4.77 -34.25
N ALA B 204 23.34 5.73 -33.44
CA ALA B 204 24.73 5.88 -33.08
C ALA B 204 25.04 5.22 -31.75
N ILE B 205 24.04 5.14 -30.90
CA ILE B 205 24.28 4.60 -29.55
C ILE B 205 24.03 3.09 -29.39
N LEU B 206 23.18 2.53 -30.26
CA LEU B 206 22.67 1.18 -30.02
C LEU B 206 23.71 0.07 -30.09
N PRO B 207 24.50 0.01 -31.18
CA PRO B 207 25.38 -1.15 -31.18
C PRO B 207 26.19 -1.15 -29.92
N THR B 208 26.41 0.03 -29.34
CA THR B 208 27.10 0.23 -28.05
C THR B 208 26.25 -0.39 -26.94
N ALA B 209 24.98 0.02 -26.90
CA ALA B 209 24.05 -0.42 -25.87
C ALA B 209 23.97 -1.94 -25.90
N GLU B 210 24.18 -2.51 -27.08
CA GLU B 210 24.00 -3.94 -27.27
C GLU B 210 25.19 -4.68 -26.68
N GLU B 211 26.38 -4.09 -26.82
CA GLU B 211 27.62 -4.69 -26.33
C GLU B 211 27.86 -4.41 -24.85
N ALA B 212 27.31 -3.30 -24.36
CA ALA B 212 27.35 -2.96 -22.93
C ALA B 212 26.47 -3.93 -22.18
N GLY B 213 25.35 -4.27 -22.79
CA GLY B 213 24.33 -5.15 -22.21
C GLY B 213 23.17 -4.36 -21.66
N VAL B 214 22.93 -3.19 -22.22
CA VAL B 214 22.02 -2.21 -21.65
C VAL B 214 20.88 -1.92 -22.61
N LYS B 215 19.66 -2.06 -22.11
CA LYS B 215 18.50 -1.70 -22.88
C LYS B 215 18.09 -0.24 -22.62
N MET B 216 17.78 0.45 -23.72
CA MET B 216 17.51 1.87 -23.68
C MET B 216 16.01 1.98 -23.54
N ALA B 217 15.57 3.01 -22.82
CA ALA B 217 14.18 3.16 -22.53
C ALA B 217 13.78 4.62 -22.65
N ILE B 218 13.23 4.98 -23.81
CA ILE B 218 12.83 6.37 -24.00
C ILE B 218 11.57 6.67 -23.21
N HIS B 219 11.65 7.74 -22.43
CA HIS B 219 10.55 8.20 -21.65
C HIS B 219 9.85 9.28 -22.47
N PRO B 220 8.57 9.05 -22.77
CA PRO B 220 7.65 9.91 -23.49
C PRO B 220 7.86 11.36 -23.14
N ASP B 221 7.42 12.24 -24.03
CA ASP B 221 7.47 13.65 -23.72
C ASP B 221 6.28 13.91 -22.82
N ASP B 222 6.50 14.75 -21.82
CA ASP B 222 5.60 14.93 -20.66
C ASP B 222 5.31 16.42 -20.54
N PRO B 223 4.09 16.86 -20.89
CA PRO B 223 2.90 16.15 -21.41
C PRO B 223 3.05 15.71 -22.84
N PRO B 224 2.37 14.60 -23.19
CA PRO B 224 2.42 13.94 -24.50
C PRO B 224 2.05 14.84 -25.69
N TYR B 225 2.39 16.13 -25.62
CA TYR B 225 2.09 17.09 -26.68
C TYR B 225 3.01 18.30 -26.71
N GLY B 226 3.23 18.81 -27.93
CA GLY B 226 4.01 20.01 -28.12
C GLY B 226 3.31 21.19 -27.50
N ILE B 227 4.05 21.92 -26.66
CA ILE B 227 3.65 23.24 -26.23
C ILE B 227 4.83 24.23 -26.23
N PHE B 228 4.56 25.41 -25.68
CA PHE B 228 5.56 26.50 -25.56
C PHE B 228 6.29 26.79 -26.87
N GLY B 229 5.67 26.37 -27.99
CA GLY B 229 6.20 26.58 -29.34
C GLY B 229 7.21 25.53 -29.76
N LEU B 230 7.66 24.76 -28.76
CA LEU B 230 8.68 23.75 -28.96
C LEU B 230 8.01 22.45 -29.38
N PRO B 231 8.78 21.59 -30.07
CA PRO B 231 8.23 20.31 -30.55
C PRO B 231 8.35 19.16 -29.54
N ARG B 232 7.32 18.32 -29.54
CA ARG B 232 7.36 17.06 -28.84
C ARG B 232 6.96 16.02 -29.85
N ILE B 233 7.85 15.07 -30.11
CA ILE B 233 7.53 14.03 -31.10
C ILE B 233 6.88 12.78 -30.52
N ILE B 234 7.30 12.39 -29.31
CA ILE B 234 7.03 11.03 -28.74
C ILE B 234 5.64 10.91 -28.09
N THR B 235 4.61 11.03 -28.92
CA THR B 235 3.31 11.50 -28.47
C THR B 235 2.30 10.41 -28.20
N GLY B 236 2.53 9.23 -28.75
CA GLY B 236 1.61 8.14 -28.56
C GLY B 236 1.90 6.98 -29.46
N GLN B 237 0.87 6.21 -29.81
CA GLN B 237 1.04 4.88 -30.42
C GLN B 237 1.89 4.85 -31.70
N GLU B 238 1.54 5.70 -32.68
CA GLU B 238 2.22 5.76 -33.98
C GLU B 238 3.65 6.20 -33.78
N ALA B 239 3.84 7.13 -32.86
CA ALA B 239 5.16 7.64 -32.49
C ALA B 239 6.05 6.50 -31.99
N VAL B 240 5.51 5.69 -31.07
CA VAL B 240 6.21 4.51 -30.59
C VAL B 240 6.57 3.54 -31.74
N GLU B 241 5.65 3.36 -32.68
CA GLU B 241 5.83 2.41 -33.76
C GLU B 241 6.87 2.90 -34.76
N ARG B 242 6.92 4.21 -35.01
CA ARG B 242 8.06 4.76 -35.75
C ARG B 242 9.30 4.69 -34.91
N PHE B 243 9.21 5.07 -33.63
CA PHE B 243 10.37 5.02 -32.73
C PHE B 243 11.01 3.67 -32.68
N LEU B 244 10.21 2.68 -32.33
CA LEU B 244 10.66 1.33 -32.20
C LEU B 244 11.31 0.93 -33.51
N ASN B 245 10.74 1.39 -34.63
CA ASN B 245 11.25 1.06 -35.97
C ASN B 245 12.58 1.70 -36.36
N LEU B 246 12.99 2.79 -35.69
CA LEU B 246 14.28 3.45 -35.93
C LEU B 246 15.47 2.49 -35.82
N TYR B 247 15.47 1.66 -34.78
CA TYR B 247 16.46 0.60 -34.59
C TYR B 247 15.73 -0.60 -33.99
N ASP B 248 15.75 -1.73 -34.70
CA ASP B 248 14.88 -2.88 -34.39
C ASP B 248 15.59 -3.84 -33.45
N SER B 249 15.48 -3.55 -32.14
CA SER B 249 16.11 -4.35 -31.11
C SER B 249 15.31 -4.24 -29.81
N GLU B 250 15.35 -5.28 -28.98
CA GLU B 250 14.88 -5.17 -27.59
C GLU B 250 15.67 -4.17 -26.77
N HIS B 251 16.92 -3.93 -27.18
CA HIS B 251 17.78 -2.96 -26.54
C HIS B 251 17.26 -1.54 -26.75
N ASN B 252 16.68 -1.30 -27.93
CA ASN B 252 15.96 -0.06 -28.28
C ASN B 252 14.46 -0.11 -27.95
N GLY B 253 14.09 0.36 -26.76
CA GLY B 253 12.70 0.25 -26.30
C GLY B 253 12.23 1.52 -25.59
N ILE B 254 11.09 1.40 -24.93
CA ILE B 254 10.45 2.49 -24.23
C ILE B 254 10.36 2.22 -22.72
N THR B 255 10.27 3.30 -21.96
CA THR B 255 9.82 3.23 -20.58
C THR B 255 8.34 3.56 -20.71
N MET B 256 7.51 2.55 -20.47
CA MET B 256 6.07 2.75 -20.56
C MET B 256 5.60 3.59 -19.39
N CYS B 257 5.74 4.91 -19.50
CA CYS B 257 5.16 5.75 -18.48
C CYS B 257 3.69 5.88 -18.84
N VAL B 258 2.85 5.05 -18.21
CA VAL B 258 1.43 4.98 -18.55
C VAL B 258 0.69 6.24 -18.15
N GLY B 259 1.12 6.89 -17.07
CA GLY B 259 0.52 8.16 -16.68
C GLY B 259 0.86 9.40 -17.54
N SER B 260 2.04 9.39 -18.19
CA SER B 260 2.44 10.51 -19.05
C SER B 260 1.60 10.51 -20.31
N TYR B 261 1.81 9.48 -21.16
CA TYR B 261 1.05 9.25 -22.40
C TYR B 261 -0.43 9.58 -22.25
N ALA B 262 -0.99 9.09 -21.14
CA ALA B 262 -2.41 9.11 -20.88
C ALA B 262 -2.99 10.47 -20.58
N SER B 263 -2.14 11.41 -20.17
CA SER B 263 -2.59 12.77 -19.82
C SER B 263 -2.98 13.66 -21.02
N ASP B 264 -2.81 13.15 -22.24
CA ASP B 264 -3.61 13.58 -23.37
C ASP B 264 -4.58 12.45 -23.75
N PRO B 265 -5.84 12.72 -23.67
CA PRO B 265 -6.88 11.73 -23.82
C PRO B 265 -7.01 11.14 -25.17
N LYS B 266 -6.34 11.72 -26.14
CA LYS B 266 -6.33 11.23 -27.49
C LYS B 266 -5.61 9.89 -27.59
N ASN B 267 -4.67 9.64 -26.68
CA ASN B 267 -3.92 8.37 -26.63
C ASN B 267 -4.44 7.51 -25.49
N ASP B 268 -4.35 6.21 -25.65
CA ASP B 268 -5.02 5.19 -24.86
C ASP B 268 -4.03 4.12 -24.38
N VAL B 269 -3.82 4.07 -23.06
CA VAL B 269 -2.67 3.33 -22.51
C VAL B 269 -2.74 1.80 -22.62
N LEU B 270 -3.90 1.21 -22.33
CA LEU B 270 -4.05 -0.24 -22.34
C LEU B 270 -3.60 -0.84 -23.68
N ALA B 271 -4.11 -0.29 -24.77
CA ALA B 271 -3.72 -0.77 -26.10
C ALA B 271 -2.29 -0.39 -26.43
N MET B 272 -1.84 0.76 -25.93
CA MET B 272 -0.44 1.19 -26.04
C MET B 272 0.52 0.30 -25.25
N THR B 273 0.18 0.02 -24.00
CA THR B 273 0.96 -0.91 -23.20
C THR B 273 0.93 -2.25 -23.91
N GLU B 274 -0.29 -2.68 -24.25
CA GLU B 274 -0.50 -3.96 -24.88
C GLU B 274 0.41 -4.12 -26.10
N TYR B 275 0.42 -3.11 -26.96
CA TYR B 275 1.16 -3.16 -28.19
C TYR B 275 2.66 -3.43 -27.94
N ALA B 276 3.32 -2.53 -27.22
CA ALA B 276 4.74 -2.73 -26.86
C ALA B 276 5.04 -4.12 -26.28
N LEU B 277 4.16 -4.62 -25.41
CA LEU B 277 4.27 -5.98 -24.84
C LEU B 277 4.29 -7.01 -25.95
N LYS B 278 3.25 -6.97 -26.77
CA LYS B 278 3.12 -7.77 -27.99
C LYS B 278 4.46 -7.86 -28.73
N ARG B 279 5.07 -6.71 -28.97
CA ARG B 279 6.33 -6.66 -29.73
C ARG B 279 7.58 -6.86 -28.88
N ASN B 280 7.41 -6.89 -27.56
CA ASN B 280 8.52 -7.14 -26.64
C ASN B 280 9.49 -5.95 -26.58
N ARG B 281 8.94 -4.75 -26.32
CA ARG B 281 9.72 -3.50 -26.35
C ARG B 281 9.45 -2.54 -25.19
N ILE B 282 8.93 -3.07 -24.07
CA ILE B 282 8.96 -2.36 -22.78
C ILE B 282 10.10 -2.84 -21.83
N ASN B 283 10.98 -1.91 -21.43
CA ASN B 283 12.11 -2.24 -20.55
C ASN B 283 12.05 -1.48 -19.23
N PHE B 284 10.91 -0.83 -18.99
CA PHE B 284 10.71 -0.07 -17.77
C PHE B 284 9.26 0.39 -17.65
N MET B 285 8.63 0.08 -16.51
CA MET B 285 7.32 0.62 -16.21
C MET B 285 7.43 1.76 -15.22
N HIS B 286 6.87 2.91 -15.57
CA HIS B 286 6.40 3.86 -14.57
C HIS B 286 4.91 3.61 -14.57
N THR B 287 4.30 3.82 -13.42
CA THR B 287 2.96 3.37 -13.19
C THR B 287 2.26 4.31 -12.21
N ARG B 288 2.09 5.57 -12.60
CA ARG B 288 1.38 6.51 -11.74
C ARG B 288 0.10 6.94 -12.42
N ASN B 289 -0.84 7.47 -11.64
CA ASN B 289 -2.15 7.78 -12.17
C ASN B 289 -2.39 9.28 -12.26
N VAL B 290 -3.24 9.66 -13.22
CA VAL B 290 -3.55 11.07 -13.51
C VAL B 290 -4.93 11.17 -14.17
N THR B 291 -5.69 12.26 -13.88
CA THR B 291 -7.03 12.48 -14.46
C THR B 291 -7.17 13.61 -15.54
N ALA B 292 -7.89 13.33 -16.62
CA ALA B 292 -7.91 14.23 -17.77
C ALA B 292 -9.11 14.14 -18.74
N GLY B 293 -9.04 15.00 -19.77
CA GLY B 293 -10.07 15.22 -20.78
C GLY B 293 -9.62 16.42 -21.60
N ALA B 294 -10.56 17.09 -22.28
CA ALA B 294 -10.21 18.23 -23.15
C ALA B 294 -9.88 19.55 -22.41
N TRP B 295 -9.86 19.50 -21.07
CA TRP B 295 -9.59 20.68 -20.24
C TRP B 295 -8.12 20.82 -19.74
N GLY B 296 -7.38 19.71 -19.72
CA GLY B 296 -6.03 19.61 -19.08
C GLY B 296 -5.93 18.41 -18.13
N PHE B 297 -4.85 18.32 -17.32
CA PHE B 297 -4.63 17.16 -16.41
C PHE B 297 -4.25 17.44 -14.93
N GLN B 298 -4.66 16.55 -14.02
CA GLN B 298 -4.12 16.54 -12.65
C GLN B 298 -3.66 15.17 -12.17
N GLU B 299 -2.47 15.16 -11.59
CA GLU B 299 -1.91 13.98 -10.98
C GLU B 299 -2.66 13.66 -9.70
N THR B 300 -2.90 12.37 -9.44
CA THR B 300 -3.70 11.94 -8.29
C THR B 300 -3.12 10.72 -7.61
N ALA B 301 -3.92 10.09 -6.76
CA ALA B 301 -3.48 8.88 -6.07
C ALA B 301 -3.39 7.79 -7.10
N HIS B 302 -2.69 6.70 -6.76
CA HIS B 302 -2.33 5.65 -7.71
C HIS B 302 -3.49 4.78 -8.10
N LEU B 303 -4.41 4.66 -7.13
CA LEU B 303 -5.53 3.75 -7.10
C LEU B 303 -6.47 3.98 -8.29
N SER B 304 -6.60 2.94 -9.12
CA SER B 304 -7.35 2.98 -10.40
C SER B 304 -8.44 4.06 -10.50
N GLN B 305 -9.35 4.08 -9.53
CA GLN B 305 -10.53 4.95 -9.59
C GLN B 305 -10.38 6.36 -9.00
N ALA B 306 -9.16 6.84 -8.81
CA ALA B 306 -8.95 8.26 -8.53
C ALA B 306 -8.52 9.00 -9.81
N GLY B 307 -8.74 8.34 -10.95
CA GLY B 307 -8.30 8.81 -12.26
C GLY B 307 -8.65 7.88 -13.42
N ASP B 308 -8.27 8.29 -14.63
CA ASP B 308 -8.72 7.68 -15.89
C ASP B 308 -8.07 6.31 -16.22
N ILE B 309 -6.92 6.05 -15.63
CA ILE B 309 -6.26 4.80 -15.86
C ILE B 309 -6.79 3.71 -14.91
N ASP B 310 -7.34 2.64 -15.48
CA ASP B 310 -7.55 1.41 -14.74
C ASP B 310 -6.20 0.70 -14.62
N MET B 311 -5.54 0.91 -13.49
CA MET B 311 -4.23 0.36 -13.22
C MET B 311 -4.21 -1.16 -13.18
N ASN B 312 -5.33 -1.79 -12.77
CA ASN B 312 -5.43 -3.26 -12.78
C ASN B 312 -5.16 -3.80 -14.15
N ALA B 313 -5.87 -3.27 -15.14
CA ALA B 313 -5.69 -3.71 -16.53
C ALA B 313 -4.24 -3.60 -16.98
N VAL B 314 -3.58 -2.50 -16.59
CA VAL B 314 -2.18 -2.27 -16.95
C VAL B 314 -1.32 -3.45 -16.49
N VAL B 315 -1.31 -3.68 -15.19
CA VAL B 315 -0.57 -4.82 -14.64
C VAL B 315 -1.07 -6.20 -15.14
N LYS B 316 -2.38 -6.47 -15.13
CA LYS B 316 -2.90 -7.76 -15.66
C LYS B 316 -2.25 -8.14 -16.99
N LEU B 317 -1.97 -7.12 -17.81
CA LEU B 317 -1.19 -7.29 -19.04
C LEU B 317 0.24 -7.73 -18.73
N LEU B 318 0.90 -7.03 -17.82
CA LEU B 318 2.24 -7.43 -17.40
C LEU B 318 2.27 -8.89 -16.92
N VAL B 319 1.16 -9.36 -16.36
CA VAL B 319 1.02 -10.75 -15.99
C VAL B 319 1.02 -11.61 -17.25
N ASP B 320 0.00 -11.41 -18.10
CA ASP B 320 -0.27 -12.28 -19.27
C ASP B 320 0.90 -12.31 -20.23
N TYR B 321 1.66 -11.21 -20.27
CA TYR B 321 2.84 -11.18 -21.14
C TYR B 321 4.13 -11.65 -20.50
N ASP B 322 4.04 -12.19 -19.28
CA ASP B 322 5.21 -12.59 -18.50
C ASP B 322 6.28 -11.47 -18.47
N TRP B 323 5.85 -10.20 -18.39
CA TRP B 323 6.76 -9.05 -18.52
C TRP B 323 7.86 -9.08 -17.47
N GLN B 324 9.03 -8.53 -17.80
CA GLN B 324 10.21 -8.58 -16.92
C GLN B 324 10.97 -7.28 -16.86
N GLY B 325 10.78 -6.56 -15.76
CA GLY B 325 11.48 -5.32 -15.54
C GLY B 325 11.12 -4.70 -14.21
N SER B 326 11.30 -3.40 -14.15
CA SER B 326 11.07 -2.68 -12.92
C SER B 326 9.96 -1.70 -13.18
N LEU B 327 9.06 -1.67 -12.21
CA LEU B 327 8.04 -0.65 -12.15
C LEU B 327 8.39 0.17 -10.93
N ARG B 328 8.24 1.50 -11.03
CA ARG B 328 8.22 2.42 -9.89
C ARG B 328 6.83 3.04 -9.73
N PRO B 329 6.38 3.26 -8.47
CA PRO B 329 5.23 4.10 -8.21
C PRO B 329 5.35 5.42 -8.94
N ASP B 330 6.53 6.04 -8.88
CA ASP B 330 6.89 7.27 -9.62
C ASP B 330 5.94 8.46 -9.45
N HIS B 331 6.34 9.44 -8.64
CA HIS B 331 5.42 10.52 -8.23
C HIS B 331 4.40 10.03 -7.23
N GLY B 332 4.17 10.85 -6.21
CA GLY B 332 3.09 10.62 -5.28
C GLY B 332 2.39 11.93 -5.04
N ARG B 333 1.47 11.97 -4.07
CA ARG B 333 0.90 13.21 -3.53
C ARG B 333 1.66 13.62 -2.25
N ARG B 334 1.64 14.89 -1.92
CA ARG B 334 2.12 15.28 -0.61
C ARG B 334 0.94 15.05 0.33
N ILE B 335 1.18 14.19 1.31
CA ILE B 335 0.18 13.83 2.30
C ILE B 335 0.94 13.79 3.60
N TRP B 336 0.18 13.71 4.69
CA TRP B 336 0.76 13.64 6.04
C TRP B 336 1.67 14.87 6.30
N GLY B 337 2.92 14.67 6.70
CA GLY B 337 3.81 15.82 6.96
C GLY B 337 4.96 16.04 5.96
N ASP B 338 4.78 15.48 4.75
CA ASP B 338 5.90 15.24 3.84
C ASP B 338 6.65 16.50 3.48
N GLN B 339 7.74 16.72 4.21
CA GLN B 339 8.56 17.93 4.10
C GLN B 339 9.47 17.85 2.89
N THR B 340 9.45 16.72 2.20
CA THR B 340 10.08 16.61 0.90
C THR B 340 9.73 17.86 0.03
N LYS B 341 10.75 18.73 -0.15
CA LYS B 341 10.60 20.05 -0.77
C LYS B 341 10.54 19.96 -2.29
N THR B 342 11.45 19.17 -2.86
CA THR B 342 11.38 18.77 -4.27
C THR B 342 9.99 18.19 -4.63
N PRO B 343 9.36 18.71 -5.72
CA PRO B 343 8.05 18.42 -6.34
C PRO B 343 7.31 17.08 -6.03
N GLY B 344 7.27 16.14 -6.98
CA GLY B 344 6.44 14.94 -6.77
C GLY B 344 7.16 13.71 -6.22
N TYR B 345 8.19 13.93 -5.42
CA TYR B 345 9.12 12.85 -5.14
C TYR B 345 9.36 12.47 -3.67
N GLY B 346 8.34 12.67 -2.83
CA GLY B 346 8.37 12.27 -1.44
C GLY B 346 8.06 10.78 -1.24
N LEU B 347 8.44 10.27 -0.08
CA LEU B 347 8.38 8.85 0.23
C LEU B 347 6.98 8.29 0.38
N TYR B 348 6.19 8.97 1.22
CA TYR B 348 4.94 8.43 1.74
C TYR B 348 3.95 7.88 0.70
N ASP B 349 3.27 8.74 -0.07
CA ASP B 349 2.30 8.30 -1.09
C ASP B 349 2.95 7.45 -2.21
N ARG B 350 4.22 7.71 -2.52
CA ARG B 350 4.93 6.87 -3.48
C ARG B 350 4.95 5.44 -2.96
N ALA B 351 5.28 5.29 -1.68
CA ALA B 351 5.27 3.97 -1.06
C ALA B 351 3.86 3.38 -1.04
N LEU B 352 2.85 4.24 -0.95
CA LEU B 352 1.47 3.80 -0.92
C LEU B 352 1.13 3.22 -2.27
N GLY B 353 1.57 3.91 -3.31
CA GLY B 353 1.45 3.37 -4.65
C GLY B 353 2.04 1.97 -4.69
N ALA B 354 3.25 1.82 -4.20
CA ALA B 354 4.01 0.59 -4.42
C ALA B 354 3.34 -0.67 -3.88
N THR B 355 2.80 -0.63 -2.67
CA THR B 355 2.13 -1.82 -2.10
C THR B 355 0.79 -2.07 -2.77
N TYR B 356 0.14 -0.99 -3.21
CA TYR B 356 -1.01 -1.09 -4.10
C TYR B 356 -0.65 -1.88 -5.36
N PHE B 357 0.50 -1.61 -5.98
CA PHE B 357 0.91 -2.44 -7.11
C PHE B 357 1.30 -3.85 -6.70
N ASN B 358 1.93 -3.99 -5.53
CA ASN B 358 2.18 -5.28 -4.92
C ASN B 358 0.92 -6.13 -4.82
N GLY B 359 -0.15 -5.49 -4.35
CA GLY B 359 -1.46 -6.11 -4.23
C GLY B 359 -2.02 -6.47 -5.59
N LEU B 360 -1.80 -5.60 -6.57
CA LEU B 360 -2.31 -5.84 -7.92
C LEU B 360 -1.57 -6.97 -8.60
N TYR B 361 -0.26 -6.99 -8.42
CA TYR B 361 0.55 -7.99 -9.06
C TYR B 361 0.39 -9.32 -8.33
N GLU B 362 0.34 -9.27 -6.99
CA GLU B 362 0.09 -10.45 -6.20
C GLU B 362 -1.15 -11.15 -6.74
N ALA B 363 -2.28 -10.46 -6.66
CA ALA B 363 -3.58 -10.93 -7.15
C ALA B 363 -3.61 -11.61 -8.54
N ASN B 364 -3.49 -10.82 -9.61
CA ASN B 364 -3.46 -11.35 -10.98
C ASN B 364 -2.52 -12.54 -11.26
N MET B 365 -1.38 -12.62 -10.56
CA MET B 365 -0.48 -13.76 -10.67
C MET B 365 -1.18 -15.06 -10.26
N ARG B 366 -1.77 -15.04 -9.08
CA ARG B 366 -2.47 -16.20 -8.57
C ARG B 366 -3.62 -16.43 -9.51
N ALA B 367 -4.42 -15.38 -9.74
CA ALA B 367 -5.58 -15.42 -10.67
C ALA B 367 -5.18 -16.01 -12.00
N ALA B 368 -3.91 -15.85 -12.35
CA ALA B 368 -3.35 -16.39 -13.58
C ALA B 368 -2.82 -17.83 -13.46
N GLY B 369 -2.99 -18.47 -12.28
CA GLY B 369 -2.38 -19.77 -11.99
C GLY B 369 -0.86 -19.65 -11.98
N LYS B 370 -0.38 -18.66 -11.24
CA LYS B 370 1.06 -18.37 -11.13
C LYS B 370 1.48 -18.10 -9.68
N THR B 371 2.78 -17.98 -9.47
CA THR B 371 3.26 -17.67 -8.13
C THR B 371 4.24 -16.46 -8.09
N PRO B 372 3.74 -15.31 -7.56
CA PRO B 372 4.41 -14.00 -7.63
C PRO B 372 5.53 -13.97 -6.64
N ASP B 373 6.60 -13.24 -6.97
CA ASP B 373 7.74 -13.16 -6.09
C ASP B 373 8.11 -11.71 -5.76
N PHE B 374 8.66 -11.48 -4.57
CA PHE B 374 9.05 -10.14 -4.19
C PHE B 374 10.46 -10.10 -3.66
N GLY B 375 11.25 -11.12 -3.99
CA GLY B 375 12.66 -11.13 -3.58
C GLY B 375 12.91 -11.35 -2.08
N ILE B 376 11.84 -11.43 -1.31
CA ILE B 376 11.93 -11.73 0.11
C ILE B 376 12.53 -13.14 0.30
N LYS B 377 13.50 -13.26 1.22
CA LYS B 377 14.17 -14.53 1.49
C LYS B 377 13.98 -14.97 2.95
N ALA B 378 14.25 -14.08 3.90
CA ALA B 378 13.99 -14.41 5.28
C ALA B 378 12.70 -13.73 5.73
N LYS B 379 11.89 -14.47 6.47
CA LYS B 379 10.74 -13.90 7.14
C LYS B 379 11.13 -13.29 8.47
N THR B 380 12.10 -13.91 9.12
CA THR B 380 12.51 -13.56 10.47
C THR B 380 14.02 -13.44 10.46
N VAL B 381 14.60 -12.80 11.46
CA VAL B 381 16.04 -12.95 11.68
C VAL B 381 16.29 -13.57 13.03
N GLY B 382 16.19 -14.89 13.12
CA GLY B 382 16.75 -15.60 14.29
C GLY B 382 15.83 -16.49 15.08
N THR B 383 14.81 -17.00 14.40
CA THR B 383 13.97 -18.05 14.96
C THR B 383 13.86 -19.12 13.88
N LYS B 384 12.78 -19.04 13.08
CA LYS B 384 12.36 -20.04 12.05
C LYS B 384 12.25 -21.48 12.60
N GLU B 385 11.76 -22.41 11.78
CA GLU B 385 11.61 -23.79 12.21
C GLU B 385 11.67 -24.77 11.04
#